data_2R5C
#
_entry.id   2R5C
#
_cell.length_a   56.050
_cell.length_b   95.678
_cell.length_c   166.752
_cell.angle_alpha   90.00
_cell.angle_beta   90.00
_cell.angle_gamma   90.00
#
_symmetry.space_group_name_H-M   'P 21 21 21'
#
loop_
_entity.id
_entity.type
_entity.pdbx_description
1 polymer 'Kynurenine aminotransferase'
2 polymer 'Kynurenine aminotransferase'
3 non-polymer N-({3-HYDROXY-2-METHYL-5-[(PHOSPHONOOXY)METHYL]PYRIDIN-4-YL}METHYL)-L-CYSTEINE
4 water water
#
loop_
_entity_poly.entity_id
_entity_poly.type
_entity_poly.pdbx_seq_one_letter_code
_entity_poly.pdbx_strand_id
1 'polypeptide(L)'
;MSSTSNETMHNKFDLPKRYQGSTKSVWVEYIQLAAQYKPLNLGQGFPDYHAPKYALNALAAAANSPDPLANQYTRGFGHP
RLVQALSKLYSQLVDRTINPMTEVLVTVGAYEALYATIQGHVDEGDEVIIIEPFFDCYEPMVKAAGGIPRFIPLKPNKTG
GTISSADWVLDNNELEALFNEKTKMIIINTPHNPLGKVMDRAELEVVANLCKKWNVLCVSDEVYEHMVFEPFEHIRICTL
PGMWERTITIGSAG(LLP)TFSLTGWKIGWAYGPEALLKNLQMVHQNCVYTCATPIQEAIAVGFETELKRLKSPECYFNS
ISGELMAKRDYMASFLAEVGMNPTVPQGGYFMVADWSSLDSKVDLTQETDARKDYRFTKWMTKSVGLQGIPPSAFYSEPN
KHLGEDFVRYCFFKKDENLQKAAEILRKWKGSS
;
A
2 'polypeptide(L)'
;MSSTSNETMHNKFDLPKRYQGSTKSVWVEYIQLAAQYKPLNLGQGFPDYHAPKYALNALAAAANSPDPLANQYTRGFGHP
RLVQALSKLYSQLVDRTINPMTEVLVTVGAYEALYATIQGHVDEGDEVIIIEPFFDCYEPMVKAAGGIPRFIPLKPNKTG
GTISSADWVLDNNELEALFNEKTKMIIINTPHNPLGKVMDRAELEVVANLCKKWNVLCVSDEVYEHMVFEPFEHIRICTL
PGMWERTITIGSAGKTFSLTGWKIGWAYGPEALLKNLQMVHQNCVYTCATPIQEAIAVGFETELKRLKSPECYFNSISGE
LMAKRDYMASFLAEVGMNPTVPQGGYFMVADWSSLDSKVDLTQETDARKDYRFTKWMTKSVGLQGIPPSAFYSEPNKHLG
EDFVRYCFFKKDENLQKAAEILRKWKGSS
;
B
#
# COMPACT_ATOMS: atom_id res chain seq x y z
N ASN A 11 -0.28 -4.01 -28.31
CA ASN A 11 0.50 -2.80 -28.13
C ASN A 11 -0.33 -1.71 -27.46
N LYS A 12 -1.60 -1.64 -27.83
CA LYS A 12 -2.47 -0.64 -27.25
C LYS A 12 -2.39 -0.64 -25.74
N PHE A 13 -2.35 -1.82 -25.13
CA PHE A 13 -2.53 -1.93 -23.69
C PHE A 13 -1.28 -2.46 -23.01
N ASP A 14 -0.18 -2.36 -23.72
CA ASP A 14 1.18 -2.61 -23.22
C ASP A 14 1.49 -1.76 -22.04
N LEU A 15 2.57 -2.03 -21.33
CA LEU A 15 2.92 -1.17 -20.22
C LEU A 15 3.17 0.25 -20.73
N PRO A 16 2.84 1.25 -19.93
CA PRO A 16 3.30 2.61 -20.24
C PRO A 16 4.81 2.63 -20.35
N LYS A 17 5.37 3.66 -20.97
CA LYS A 17 6.80 3.70 -21.20
C LYS A 17 7.56 3.60 -19.90
N ARG A 18 7.09 4.27 -18.85
CA ARG A 18 7.91 4.48 -17.67
C ARG A 18 8.28 3.18 -16.98
N TYR A 19 7.76 2.08 -17.50
CA TYR A 19 8.26 0.78 -17.10
C TYR A 19 8.90 0.18 -18.34
N GLN A 20 10.05 0.70 -18.71
CA GLN A 20 10.88 0.10 -19.76
C GLN A 20 11.51 -1.24 -19.43
N GLY A 21 12.16 -1.34 -18.28
CA GLY A 21 13.16 -2.36 -18.05
C GLY A 21 12.54 -3.40 -17.15
N SER A 22 11.24 -3.62 -17.32
CA SER A 22 10.38 -4.07 -16.23
C SER A 22 10.45 -5.57 -16.02
N THR A 23 11.01 -5.99 -14.90
CA THR A 23 11.26 -7.39 -14.62
C THR A 23 10.42 -7.98 -13.46
N LYS A 24 10.13 -9.27 -13.54
CA LYS A 24 9.81 -10.05 -12.35
C LYS A 24 10.96 -10.10 -11.37
N SER A 25 10.61 -10.11 -10.09
CA SER A 25 11.57 -10.22 -9.02
C SER A 25 12.13 -11.65 -8.95
N VAL A 26 13.41 -11.73 -8.65
CA VAL A 26 14.14 -12.99 -8.33
C VAL A 26 13.36 -13.81 -7.28
N TRP A 27 12.56 -13.12 -6.48
CA TRP A 27 11.74 -13.74 -5.43
C TRP A 27 10.78 -14.83 -5.91
N VAL A 28 9.98 -14.51 -6.93
CA VAL A 28 9.00 -15.48 -7.44
C VAL A 28 9.65 -16.83 -7.74
N GLU A 29 10.65 -16.82 -8.62
CA GLU A 29 11.28 -18.03 -9.11
C GLU A 29 11.94 -18.90 -7.99
N TYR A 30 12.35 -18.26 -6.89
CA TYR A 30 12.88 -19.01 -5.76
C TYR A 30 11.83 -19.50 -4.77
N ILE A 31 10.68 -18.80 -4.72
CA ILE A 31 9.50 -19.28 -4.04
C ILE A 31 9.00 -20.54 -4.74
N GLN A 32 8.95 -20.49 -6.08
CA GLN A 32 8.56 -21.69 -6.86
C GLN A 32 9.59 -22.85 -6.67
N LEU A 33 10.89 -22.56 -6.61
CA LEU A 33 11.86 -23.66 -6.50
C LEU A 33 11.76 -24.34 -5.11
N ALA A 34 11.48 -23.53 -4.07
CA ALA A 34 11.43 -24.02 -2.68
C ALA A 34 10.14 -24.81 -2.40
N ALA A 35 9.12 -24.53 -3.20
CA ALA A 35 7.86 -25.26 -3.10
C ALA A 35 7.97 -26.65 -3.78
N GLN A 36 8.78 -26.72 -4.80
CA GLN A 36 8.94 -27.91 -5.59
C GLN A 36 9.81 -28.98 -4.92
N TYR A 37 11.03 -28.58 -4.55
CA TYR A 37 11.99 -29.44 -3.89
C TYR A 37 11.95 -29.44 -2.34
N LYS A 38 11.30 -28.44 -1.74
CA LYS A 38 11.17 -28.27 -0.25
C LYS A 38 12.53 -28.45 0.42
N PRO A 39 13.53 -27.58 0.10
CA PRO A 39 14.86 -27.63 0.70
C PRO A 39 14.79 -27.03 2.11
N LEU A 40 15.88 -27.19 2.85
CA LEU A 40 16.13 -26.33 4.00
C LEU A 40 16.40 -24.91 3.51
N ASN A 41 15.45 -24.04 3.82
CA ASN A 41 15.33 -22.78 3.19
C ASN A 41 16.01 -21.66 3.99
N LEU A 42 17.13 -21.24 3.46
CA LEU A 42 17.90 -20.11 4.00
C LEU A 42 17.65 -18.86 3.10
N GLY A 43 16.60 -18.91 2.27
CA GLY A 43 16.31 -17.77 1.37
C GLY A 43 15.33 -16.74 1.86
N GLN A 44 14.49 -17.09 2.84
CA GLN A 44 13.43 -16.19 3.27
C GLN A 44 14.00 -15.26 4.33
N GLY A 45 13.87 -13.93 4.16
CA GLY A 45 14.44 -13.00 5.09
C GLY A 45 13.42 -12.74 6.22
N PHE A 46 12.97 -13.80 6.91
CA PHE A 46 12.18 -13.67 8.12
C PHE A 46 12.36 -14.85 9.03
N PRO A 47 11.99 -14.69 10.31
CA PRO A 47 12.05 -15.77 11.29
C PRO A 47 11.35 -17.09 10.95
N ASP A 48 12.07 -18.19 11.13
CA ASP A 48 11.45 -19.51 11.17
C ASP A 48 10.38 -19.64 12.27
N TYR A 49 10.50 -18.83 13.31
CA TYR A 49 9.79 -19.04 14.56
C TYR A 49 9.10 -17.72 14.95
N HIS A 50 8.37 -17.73 16.05
CA HIS A 50 7.43 -16.65 16.34
C HIS A 50 8.09 -15.41 16.94
N ALA A 51 7.48 -14.28 16.63
CA ALA A 51 7.94 -12.99 17.02
C ALA A 51 7.58 -12.80 18.52
N PRO A 52 7.98 -11.67 19.12
CA PRO A 52 7.56 -11.46 20.51
C PRO A 52 6.07 -11.48 20.67
N LYS A 53 5.58 -12.26 21.63
CA LYS A 53 4.14 -12.49 21.79
C LYS A 53 3.39 -11.16 21.90
N TYR A 54 3.91 -10.26 22.72
CA TYR A 54 3.14 -9.10 23.17
C TYR A 54 2.66 -8.27 21.98
N ALA A 55 3.48 -8.19 20.94
CA ALA A 55 3.08 -7.55 19.69
C ALA A 55 1.88 -8.32 19.10
N LEU A 56 2.04 -9.64 19.09
CA LEU A 56 1.07 -10.52 18.54
C LEU A 56 -0.29 -10.45 19.28
N ASN A 57 -0.20 -10.37 20.60
CA ASN A 57 -1.32 -10.32 21.48
C ASN A 57 -2.11 -9.04 21.22
N ALA A 58 -1.38 -7.96 20.96
CA ALA A 58 -2.00 -6.68 20.68
C ALA A 58 -2.92 -6.61 19.41
N LEU A 59 -2.58 -7.40 18.40
CA LEU A 59 -3.36 -7.51 17.14
C LEU A 59 -4.67 -8.26 17.40
N ALA A 60 -4.57 -9.41 18.10
CA ALA A 60 -5.72 -10.13 18.61
C ALA A 60 -6.55 -9.17 19.48
N ALA A 61 -5.93 -8.42 20.38
CA ALA A 61 -6.77 -7.45 21.13
C ALA A 61 -7.46 -6.38 20.27
N ALA A 62 -6.81 -5.92 19.19
CA ALA A 62 -7.41 -4.86 18.40
C ALA A 62 -8.53 -5.38 17.51
N ALA A 63 -8.43 -6.65 17.13
CA ALA A 63 -9.47 -7.29 16.39
C ALA A 63 -10.63 -7.55 17.28
N ASN A 64 -10.36 -7.83 18.55
CA ASN A 64 -11.41 -8.19 19.49
C ASN A 64 -11.99 -6.99 20.24
N SER A 65 -11.58 -5.80 19.84
CA SER A 65 -11.78 -4.64 20.68
C SER A 65 -13.25 -4.31 20.75
N PRO A 66 -13.67 -3.74 21.87
CA PRO A 66 -15.05 -3.35 22.07
C PRO A 66 -15.37 -2.03 21.40
N ASP A 67 -14.34 -1.38 20.87
CA ASP A 67 -14.50 -0.11 20.22
C ASP A 67 -14.74 -0.35 18.75
N PRO A 68 -15.91 0.04 18.26
CA PRO A 68 -16.30 -0.32 16.88
C PRO A 68 -15.38 0.27 15.80
N LEU A 69 -14.76 1.38 16.15
CA LEU A 69 -13.87 2.04 15.22
C LEU A 69 -12.42 1.54 15.16
N ALA A 70 -12.07 0.54 15.98
CA ALA A 70 -10.71 -0.09 16.03
C ALA A 70 -10.41 -0.77 14.68
N ASN A 71 -11.50 -1.09 13.96
CA ASN A 71 -11.43 -1.83 12.67
C ASN A 71 -12.00 -1.05 11.43
N GLN A 72 -12.15 0.26 11.62
CA GLN A 72 -12.65 1.19 10.63
C GLN A 72 -11.52 2.20 10.22
N TYR A 73 -11.78 3.05 9.20
CA TYR A 73 -10.72 3.93 8.62
C TYR A 73 -10.04 4.71 9.73
N THR A 74 -8.74 4.87 9.58
CA THR A 74 -7.95 5.75 10.43
C THR A 74 -7.28 6.85 9.63
N ARG A 75 -6.64 7.79 10.33
CA ARG A 75 -5.94 8.94 9.78
C ARG A 75 -4.93 8.50 8.69
N GLY A 76 -5.05 9.15 7.53
CA GLY A 76 -4.25 8.80 6.37
C GLY A 76 -2.76 8.90 6.49
N PHE A 77 -2.25 9.94 7.17
CA PHE A 77 -0.79 10.11 7.35
C PHE A 77 -0.15 9.21 8.47
N GLY A 78 -0.96 8.48 9.23
CA GLY A 78 -0.54 7.66 10.33
C GLY A 78 -1.61 7.62 11.44
N HIS A 79 -1.93 6.44 11.91
CA HIS A 79 -2.78 6.27 13.03
C HIS A 79 -2.27 7.09 14.18
N PRO A 80 -3.14 7.95 14.78
CA PRO A 80 -2.68 8.85 15.89
C PRO A 80 -1.83 8.23 16.98
N ARG A 81 -2.25 7.10 17.49
CA ARG A 81 -1.54 6.48 18.59
C ARG A 81 -0.22 5.98 18.04
N LEU A 82 -0.21 5.55 16.79
CA LEU A 82 1.01 5.07 16.14
C LEU A 82 2.06 6.17 16.06
N VAL A 83 1.71 7.27 15.39
CA VAL A 83 2.64 8.29 15.14
C VAL A 83 3.13 9.03 16.41
N GLN A 84 2.33 9.08 17.49
CA GLN A 84 2.72 9.70 18.78
C GLN A 84 3.88 8.86 19.36
N ALA A 85 3.74 7.52 19.28
CA ALA A 85 4.75 6.63 19.77
C ALA A 85 6.05 6.70 18.91
N LEU A 86 5.90 6.77 17.59
CA LEU A 86 7.04 6.91 16.71
C LEU A 86 7.84 8.15 17.05
N SER A 87 7.17 9.29 17.13
CA SER A 87 7.85 10.52 17.49
C SER A 87 8.49 10.40 18.88
N LYS A 88 7.87 9.71 19.83
CA LYS A 88 8.54 9.53 21.10
C LYS A 88 9.89 8.79 21.03
N LEU A 89 9.91 7.69 20.31
CA LEU A 89 11.06 6.79 20.17
C LEU A 89 12.19 7.49 19.39
N TYR A 90 11.81 8.04 18.23
CA TYR A 90 12.77 8.74 17.34
C TYR A 90 13.27 10.06 17.84
N SER A 91 12.39 10.83 18.50
CA SER A 91 12.82 12.11 19.19
C SER A 91 14.03 11.85 20.14
N GLN A 92 14.06 10.71 20.83
CA GLN A 92 15.14 10.38 21.76
C GLN A 92 16.40 9.95 21.05
N LEU A 93 16.22 9.30 19.91
CA LEU A 93 17.32 8.71 19.16
C LEU A 93 18.00 9.70 18.24
N VAL A 94 17.22 10.60 17.66
CA VAL A 94 17.80 11.63 16.84
C VAL A 94 18.08 12.93 17.65
N ASP A 95 17.71 12.91 18.92
CA ASP A 95 17.91 14.06 19.83
C ASP A 95 17.46 15.44 19.32
N ARG A 96 16.26 15.41 18.75
CA ARG A 96 15.46 16.59 18.52
C ARG A 96 14.02 16.13 18.72
N THR A 97 13.06 17.06 18.85
CA THR A 97 11.64 16.66 18.89
C THR A 97 10.98 16.56 17.50
N ILE A 98 10.56 15.33 17.17
CA ILE A 98 9.91 15.11 15.89
C ILE A 98 8.37 15.31 16.05
N ASN A 99 7.85 16.13 15.17
CA ASN A 99 6.45 16.40 15.12
C ASN A 99 5.68 15.24 14.52
N PRO A 100 4.83 14.65 15.33
CA PRO A 100 4.18 13.39 15.01
C PRO A 100 3.19 13.57 13.86
N MET A 101 2.64 14.76 13.76
CA MET A 101 1.65 15.09 12.75
C MET A 101 2.23 15.56 11.42
N THR A 102 3.44 16.09 11.41
CA THR A 102 3.93 16.67 10.16
C THR A 102 5.28 16.14 9.73
N GLU A 103 5.98 15.54 10.67
CA GLU A 103 7.29 15.03 10.42
C GLU A 103 7.35 13.51 10.46
N VAL A 104 6.19 12.84 10.51
CA VAL A 104 6.22 11.33 10.51
C VAL A 104 5.12 10.91 9.49
N LEU A 105 5.44 9.96 8.61
CA LEU A 105 4.40 9.46 7.67
C LEU A 105 4.44 7.92 7.70
N VAL A 106 3.28 7.29 8.00
CA VAL A 106 3.18 5.86 8.13
C VAL A 106 2.71 5.29 6.76
N THR A 107 3.37 4.22 6.34
CA THR A 107 3.19 3.66 4.96
C THR A 107 3.07 2.11 5.01
N VAL A 108 2.63 1.53 3.89
CA VAL A 108 2.45 0.09 3.74
C VAL A 108 3.88 -0.53 3.65
N GLY A 109 4.49 -0.70 4.79
CA GLY A 109 5.87 -1.11 4.89
C GLY A 109 6.87 -0.04 4.61
N ALA A 110 8.17 -0.35 4.79
CA ALA A 110 9.25 0.55 4.35
C ALA A 110 9.26 0.60 2.81
N TYR A 111 8.53 -0.32 2.19
CA TYR A 111 8.44 -0.42 0.76
C TYR A 111 7.69 0.71 0.16
N GLU A 112 6.49 0.94 0.66
CA GLU A 112 5.74 2.11 0.23
C GLU A 112 6.32 3.42 0.72
N ALA A 113 7.08 3.39 1.79
CA ALA A 113 7.80 4.65 2.18
C ALA A 113 8.84 4.99 1.07
N LEU A 114 9.58 3.96 0.63
CA LEU A 114 10.54 4.09 -0.47
C LEU A 114 9.83 4.55 -1.73
N TYR A 115 8.60 4.08 -1.91
CA TYR A 115 7.88 4.46 -3.08
C TYR A 115 7.41 5.93 -3.03
N ALA A 116 6.88 6.38 -1.89
CA ALA A 116 6.41 7.74 -1.80
C ALA A 116 7.56 8.71 -1.96
N THR A 117 8.70 8.38 -1.37
CA THR A 117 9.89 9.19 -1.46
C THR A 117 10.43 9.33 -2.88
N ILE A 118 10.57 8.22 -3.56
CA ILE A 118 11.09 8.23 -4.90
C ILE A 118 10.15 8.88 -5.88
N GLN A 119 8.85 8.62 -5.75
CA GLN A 119 7.87 9.30 -6.60
C GLN A 119 7.66 10.74 -6.29
N GLY A 120 7.77 11.05 -4.99
CA GLY A 120 7.74 12.44 -4.54
C GLY A 120 8.95 13.31 -4.81
N HIS A 121 10.15 12.73 -5.03
CA HIS A 121 11.32 13.60 -5.17
C HIS A 121 12.17 13.40 -6.42
N VAL A 122 11.75 12.48 -7.30
CA VAL A 122 12.49 12.17 -8.54
C VAL A 122 11.56 12.52 -9.72
N ASP A 123 12.01 13.53 -10.49
CA ASP A 123 11.27 13.98 -11.67
C ASP A 123 12.00 13.49 -12.92
N GLU A 124 11.37 13.67 -14.06
CA GLU A 124 11.99 13.14 -15.29
C GLU A 124 13.42 13.61 -15.44
N GLY A 125 14.37 12.67 -15.52
CA GLY A 125 15.79 13.12 -15.68
C GLY A 125 16.63 13.40 -14.45
N ASP A 126 16.03 13.34 -13.27
CA ASP A 126 16.86 13.51 -12.09
C ASP A 126 17.77 12.28 -11.85
N GLU A 127 19.06 12.47 -11.60
CA GLU A 127 19.91 11.36 -11.37
C GLU A 127 19.87 10.90 -9.90
N VAL A 128 19.61 9.62 -9.66
CA VAL A 128 19.62 9.08 -8.30
C VAL A 128 20.80 8.11 -8.16
N ILE A 129 21.60 8.40 -7.19
CA ILE A 129 22.73 7.55 -6.81
C ILE A 129 22.37 6.35 -5.98
N ILE A 130 22.70 5.16 -6.51
CA ILE A 130 22.39 3.89 -5.82
C ILE A 130 23.64 3.06 -5.55
N ILE A 131 23.79 2.55 -4.32
CA ILE A 131 24.86 1.65 -3.97
C ILE A 131 24.58 0.14 -4.14
N GLU A 132 25.49 -0.55 -4.88
CA GLU A 132 25.42 -1.95 -5.16
C GLU A 132 26.20 -2.76 -4.17
N PRO A 133 25.73 -4.00 -3.82
CA PRO A 133 24.36 -4.52 -4.13
C PRO A 133 23.23 -3.75 -3.46
N PHE A 134 22.16 -3.52 -4.24
CA PHE A 134 21.07 -2.70 -3.78
C PHE A 134 19.87 -3.55 -3.38
N PHE A 135 19.09 -3.05 -2.43
CA PHE A 135 17.76 -3.62 -2.22
C PHE A 135 16.97 -3.51 -3.52
N ASP A 136 16.25 -4.57 -3.78
CA ASP A 136 15.74 -4.81 -5.13
C ASP A 136 14.84 -3.73 -5.72
N CYS A 137 14.07 -3.05 -4.87
CA CYS A 137 13.10 -2.11 -5.36
C CYS A 137 13.76 -0.81 -5.85
N TYR A 138 15.02 -0.61 -5.49
CA TYR A 138 15.64 0.71 -5.60
C TYR A 138 15.65 1.19 -7.05
N GLU A 139 16.21 0.38 -7.93
CA GLU A 139 16.35 0.70 -9.35
C GLU A 139 14.99 0.77 -10.13
N PRO A 140 14.14 -0.28 -9.99
CA PRO A 140 12.89 -0.13 -10.72
C PRO A 140 12.05 1.09 -10.27
N MET A 141 12.19 1.51 -9.02
CA MET A 141 11.39 2.67 -8.53
C MET A 141 11.90 3.99 -9.10
N VAL A 142 13.22 4.15 -9.12
CA VAL A 142 13.90 5.24 -9.76
C VAL A 142 13.50 5.33 -11.24
N LYS A 143 13.58 4.24 -11.93
CA LYS A 143 13.24 4.21 -13.37
C LYS A 143 11.76 4.59 -13.64
N ALA A 144 10.84 4.20 -12.78
CA ALA A 144 9.41 4.39 -12.98
C ALA A 144 9.02 5.81 -12.73
N ALA A 145 9.82 6.47 -11.89
CA ALA A 145 9.67 7.88 -11.62
C ALA A 145 10.30 8.74 -12.73
N GLY A 146 10.91 8.12 -13.74
CA GLY A 146 11.56 8.91 -14.80
C GLY A 146 12.99 9.33 -14.45
N GLY A 147 13.41 8.96 -13.27
CA GLY A 147 14.82 9.18 -12.88
C GLY A 147 15.87 8.40 -13.65
N ILE A 148 17.12 8.85 -13.51
CA ILE A 148 18.25 8.11 -14.02
C ILE A 148 19.15 7.57 -12.90
N PRO A 149 19.22 6.23 -12.76
CA PRO A 149 20.07 5.57 -11.75
C PRO A 149 21.55 5.75 -12.06
N ARG A 150 22.35 6.02 -11.02
CA ARG A 150 23.80 6.03 -11.07
C ARG A 150 24.36 5.05 -10.08
N PHE A 151 24.92 3.94 -10.53
CA PHE A 151 25.34 2.90 -9.58
C PHE A 151 26.83 2.88 -9.17
N ILE A 152 27.11 2.54 -7.93
CA ILE A 152 28.46 2.34 -7.48
C ILE A 152 28.46 1.20 -6.47
N PRO A 153 29.34 0.23 -6.70
CA PRO A 153 29.38 -0.99 -5.92
C PRO A 153 30.25 -0.94 -4.67
N LEU A 154 29.79 -1.56 -3.56
CA LEU A 154 30.67 -1.89 -2.44
C LEU A 154 31.52 -3.13 -2.85
N LYS A 155 32.82 -3.08 -2.61
CA LYS A 155 33.71 -4.17 -2.99
C LYS A 155 34.65 -4.53 -1.84
N PRO A 156 34.78 -5.83 -1.63
CA PRO A 156 35.67 -6.36 -0.61
C PRO A 156 37.06 -5.82 -0.84
N ASN A 157 37.69 -5.30 0.20
CA ASN A 157 39.04 -4.84 0.06
C ASN A 157 39.99 -5.93 0.53
N LYS A 158 39.46 -7.14 0.55
CA LYS A 158 40.28 -8.34 0.62
C LYS A 158 39.58 -9.60 0.19
N THR A 159 40.37 -10.66 0.02
CA THR A 159 39.85 -11.93 -0.38
C THR A 159 40.54 -13.04 0.41
N GLY A 160 40.00 -14.25 0.32
CA GLY A 160 40.32 -15.29 1.28
C GLY A 160 39.39 -15.26 2.47
N GLY A 161 39.80 -15.96 3.53
CA GLY A 161 38.86 -16.66 4.37
C GLY A 161 37.67 -15.81 4.75
N THR A 162 37.95 -14.63 5.25
CA THR A 162 38.13 -14.42 6.68
C THR A 162 37.69 -13.03 7.09
N ILE A 163 36.51 -12.63 6.68
CA ILE A 163 36.31 -11.25 6.37
C ILE A 163 35.03 -10.65 6.94
N SER A 164 35.04 -9.33 7.01
CA SER A 164 34.01 -8.47 7.57
C SER A 164 33.29 -7.59 6.56
N SER A 165 32.04 -7.30 6.85
CA SER A 165 31.30 -6.33 6.08
C SER A 165 31.86 -4.91 6.07
N ALA A 166 32.69 -4.56 7.04
CA ALA A 166 33.41 -3.29 6.94
C ALA A 166 34.46 -3.23 5.78
N ASP A 167 34.90 -4.41 5.32
CA ASP A 167 35.85 -4.60 4.19
C ASP A 167 35.29 -4.33 2.85
N TRP A 168 33.97 -4.18 2.77
CA TRP A 168 33.31 -3.88 1.53
C TRP A 168 33.08 -2.39 1.54
N VAL A 169 33.70 -1.69 0.59
CA VAL A 169 33.77 -0.25 0.65
C VAL A 169 33.55 0.32 -0.77
N LEU A 170 33.08 1.56 -0.81
CA LEU A 170 33.10 2.35 -2.04
C LEU A 170 34.49 2.90 -2.36
N ASP A 171 34.72 3.19 -3.63
CA ASP A 171 35.88 3.95 -4.04
C ASP A 171 35.47 5.41 -3.85
N ASN A 172 36.17 6.10 -2.95
CA ASN A 172 35.82 7.49 -2.61
C ASN A 172 35.87 8.49 -3.75
N ASN A 173 36.87 8.34 -4.60
CA ASN A 173 36.96 9.14 -5.82
C ASN A 173 35.85 8.90 -6.82
N GLU A 174 35.51 7.63 -6.99
CA GLU A 174 34.35 7.24 -7.77
C GLU A 174 33.08 7.90 -7.25
N LEU A 175 32.84 7.77 -5.95
CA LEU A 175 31.66 8.36 -5.35
C LEU A 175 31.60 9.84 -5.68
N GLU A 176 32.74 10.51 -5.47
CA GLU A 176 32.83 11.95 -5.68
C GLU A 176 32.38 12.30 -7.09
N ALA A 177 32.87 11.56 -8.08
CA ALA A 177 32.66 11.96 -9.48
C ALA A 177 31.25 11.72 -9.91
N LEU A 178 30.46 11.12 -9.00
CA LEU A 178 29.10 10.70 -9.41
C LEU A 178 28.14 11.84 -9.11
N PHE A 179 28.57 12.76 -8.23
CA PHE A 179 27.76 13.93 -7.91
C PHE A 179 28.04 15.06 -8.90
N ASN A 180 26.98 15.61 -9.48
CA ASN A 180 27.01 16.96 -10.03
C ASN A 180 25.68 17.68 -9.87
N GLU A 181 25.51 18.79 -10.59
CA GLU A 181 24.34 19.64 -10.42
C GLU A 181 23.09 18.95 -10.95
N LYS A 182 23.23 17.69 -11.34
CA LYS A 182 22.10 16.90 -11.80
C LYS A 182 21.67 15.87 -10.76
N THR A 183 22.52 15.67 -9.76
CA THR A 183 22.23 14.73 -8.68
C THR A 183 21.05 15.21 -7.85
N LYS A 184 19.95 14.46 -7.90
CA LYS A 184 18.76 14.79 -7.11
C LYS A 184 18.82 14.14 -5.73
N MET A 185 19.29 12.90 -5.69
CA MET A 185 19.06 12.04 -4.55
C MET A 185 20.17 10.99 -4.44
N ILE A 186 20.46 10.56 -3.21
CA ILE A 186 21.20 9.35 -2.95
C ILE A 186 20.48 8.43 -1.99
N ILE A 187 20.50 7.17 -2.34
CA ILE A 187 19.88 6.16 -1.48
C ILE A 187 20.96 5.33 -0.75
N ILE A 188 20.97 5.46 0.58
CA ILE A 188 21.91 4.69 1.38
C ILE A 188 21.07 3.76 2.23
N ASN A 189 21.62 2.59 2.50
CA ASN A 189 20.95 1.54 3.20
C ASN A 189 21.88 1.00 4.25
N THR A 190 21.56 1.29 5.51
CA THR A 190 22.36 0.88 6.58
C THR A 190 21.58 0.58 7.85
N PRO A 191 21.79 -0.59 8.48
CA PRO A 191 22.61 -1.73 8.04
C PRO A 191 22.21 -2.22 6.68
N HIS A 192 23.19 -2.75 5.98
CA HIS A 192 23.05 -2.92 4.52
C HIS A 192 22.46 -4.30 4.21
N ASN A 193 21.53 -4.35 3.27
CA ASN A 193 20.97 -5.61 2.75
C ASN A 193 21.54 -5.72 1.31
N PRO A 194 22.22 -6.86 1.04
CA PRO A 194 22.37 -7.91 1.98
C PRO A 194 23.73 -8.08 2.72
N LEU A 195 24.64 -7.14 2.58
CA LEU A 195 25.97 -7.34 3.18
C LEU A 195 26.00 -7.35 4.73
N GLY A 196 25.21 -6.42 5.35
CA GLY A 196 25.24 -6.30 6.81
C GLY A 196 26.15 -5.16 7.22
N LYS A 197 26.67 -4.45 6.21
CA LYS A 197 27.60 -3.38 6.45
C LYS A 197 26.92 -2.26 7.20
N VAL A 198 27.41 -1.91 8.38
CA VAL A 198 26.96 -0.68 8.99
C VAL A 198 27.94 0.47 8.79
N MET A 199 27.46 1.52 8.14
CA MET A 199 28.31 2.62 7.82
C MET A 199 28.81 3.31 9.08
N ASP A 200 30.11 3.54 9.15
CA ASP A 200 30.71 4.21 10.28
C ASP A 200 30.69 5.71 10.06
N ARG A 201 31.17 6.47 11.04
CA ARG A 201 30.87 7.88 11.04
C ARG A 201 31.49 8.59 9.85
N ALA A 202 32.64 8.09 9.40
CA ALA A 202 33.38 8.73 8.34
C ALA A 202 32.78 8.48 6.98
N GLU A 203 32.19 7.31 6.79
CA GLU A 203 31.48 7.01 5.55
C GLU A 203 30.20 7.83 5.45
N LEU A 204 29.44 7.87 6.53
CA LEU A 204 28.31 8.78 6.65
C LEU A 204 28.75 10.23 6.44
N GLU A 205 29.87 10.59 7.04
CA GLU A 205 30.43 11.94 6.89
C GLU A 205 30.79 12.22 5.43
N VAL A 206 31.41 11.25 4.76
CA VAL A 206 31.62 11.36 3.33
C VAL A 206 30.41 11.65 2.57
N VAL A 207 29.34 10.87 2.79
CA VAL A 207 28.06 11.06 2.06
C VAL A 207 27.41 12.45 2.46
N ALA A 208 27.51 12.78 3.74
CA ALA A 208 26.94 14.03 4.24
C ALA A 208 27.56 15.24 3.55
N ASN A 209 28.88 15.22 3.43
CA ASN A 209 29.61 16.35 2.86
C ASN A 209 29.33 16.53 1.37
N LEU A 210 29.10 15.43 0.67
CA LEU A 210 28.73 15.48 -0.72
C LEU A 210 27.31 15.99 -0.93
N CYS A 211 26.40 15.56 -0.07
CA CYS A 211 25.00 16.10 -0.06
C CYS A 211 24.83 17.61 0.16
N LYS A 212 25.60 18.11 1.08
CA LYS A 212 25.61 19.55 1.35
C LYS A 212 26.19 20.38 0.18
N LYS A 213 27.32 19.92 -0.37
CA LYS A 213 27.89 20.51 -1.57
C LYS A 213 26.85 20.59 -2.67
N TRP A 214 26.24 19.44 -2.99
CA TRP A 214 25.51 19.33 -4.22
C TRP A 214 23.97 19.57 -4.14
N ASN A 215 23.48 19.91 -2.95
CA ASN A 215 22.11 20.16 -2.68
C ASN A 215 21.34 18.87 -2.97
N VAL A 216 21.86 17.77 -2.48
CA VAL A 216 21.24 16.44 -2.68
C VAL A 216 20.36 15.97 -1.48
N LEU A 217 19.16 15.46 -1.82
CA LEU A 217 18.40 14.72 -0.80
C LEU A 217 18.93 13.30 -0.51
N CYS A 218 19.31 13.06 0.74
CA CYS A 218 19.65 11.71 1.22
C CYS A 218 18.49 10.92 1.72
N VAL A 219 18.31 9.74 1.13
CA VAL A 219 17.29 8.81 1.55
C VAL A 219 17.95 7.70 2.28
N SER A 220 17.60 7.60 3.55
CA SER A 220 18.25 6.64 4.43
C SER A 220 17.30 5.46 4.84
N ASP A 221 17.55 4.30 4.24
CA ASP A 221 16.85 3.07 4.52
C ASP A 221 17.46 2.33 5.77
N GLU A 222 16.94 2.67 6.95
CA GLU A 222 17.45 2.18 8.15
C GLU A 222 16.58 1.11 8.75
N VAL A 223 15.99 0.24 7.92
CA VAL A 223 15.12 -0.82 8.44
C VAL A 223 15.72 -1.76 9.46
N TYR A 224 17.01 -2.07 9.32
CA TYR A 224 17.65 -2.98 10.34
C TYR A 224 18.33 -2.20 11.47
N GLU A 225 17.90 -0.94 11.69
CA GLU A 225 18.43 -0.09 12.69
C GLU A 225 18.73 -0.78 14.05
N HIS A 226 17.88 -1.70 14.46
CA HIS A 226 18.03 -2.24 15.80
C HIS A 226 18.89 -3.50 15.91
N MET A 227 19.37 -4.00 14.76
CA MET A 227 20.11 -5.25 14.81
C MET A 227 21.61 -5.11 14.50
N VAL A 228 22.23 -4.06 14.99
CA VAL A 228 23.68 -3.92 14.94
C VAL A 228 24.38 -4.75 16.02
N PHE A 229 25.36 -5.57 15.62
CA PHE A 229 26.09 -6.45 16.53
C PHE A 229 27.22 -5.76 17.32
N GLU A 230 27.35 -6.06 18.64
CA GLU A 230 28.63 -5.71 19.28
C GLU A 230 29.87 -6.12 18.47
N PRO A 231 30.87 -5.24 18.40
CA PRO A 231 30.85 -3.97 19.09
C PRO A 231 30.49 -2.76 18.20
N PHE A 232 29.80 -3.00 17.08
CA PHE A 232 29.47 -1.97 16.13
C PHE A 232 28.26 -1.23 16.64
N GLU A 233 27.98 -0.07 16.08
CA GLU A 233 26.89 0.79 16.49
C GLU A 233 26.20 1.42 15.31
N HIS A 234 24.86 1.45 15.33
CA HIS A 234 24.07 2.18 14.30
C HIS A 234 24.10 3.65 14.53
N ILE A 235 24.43 4.40 13.48
CA ILE A 235 24.42 5.87 13.51
C ILE A 235 23.53 6.45 12.46
N ARG A 236 22.62 7.37 12.87
CA ARG A 236 21.70 7.93 11.88
C ARG A 236 22.27 9.17 11.18
N ILE A 237 22.25 9.20 9.86
CA ILE A 237 22.75 10.35 9.14
C ILE A 237 21.90 11.63 9.31
N CYS A 238 20.61 11.54 9.69
CA CYS A 238 19.80 12.78 9.86
C CYS A 238 20.33 13.49 11.13
N THR A 239 21.26 12.86 11.85
CA THR A 239 21.81 13.47 13.06
C THR A 239 23.03 14.31 12.82
N LEU A 240 23.74 14.02 11.74
CA LEU A 240 24.92 14.78 11.40
C LEU A 240 24.55 16.23 11.05
N PRO A 241 25.52 17.13 11.14
CA PRO A 241 25.35 18.55 10.85
C PRO A 241 24.71 18.95 9.53
N GLY A 242 23.74 19.86 9.57
CA GLY A 242 23.01 20.29 8.36
C GLY A 242 22.20 19.20 7.63
N MET A 243 22.17 17.97 8.17
CA MET A 243 21.55 16.82 7.42
C MET A 243 20.03 16.69 7.61
N TRP A 244 19.52 17.05 8.79
CA TRP A 244 18.06 17.01 9.07
C TRP A 244 17.24 17.60 7.92
N GLU A 245 17.67 18.75 7.42
CA GLU A 245 16.99 19.46 6.36
C GLU A 245 17.05 18.71 5.06
N ARG A 246 17.90 17.70 4.95
CA ARG A 246 18.05 17.01 3.66
C ARG A 246 18.02 15.48 3.70
N THR A 247 17.34 14.93 4.70
CA THR A 247 17.24 13.49 4.96
C THR A 247 15.78 13.05 5.17
N ILE A 248 15.39 11.99 4.47
CA ILE A 248 14.21 11.24 4.81
C ILE A 248 14.73 9.90 5.34
N THR A 249 14.39 9.53 6.58
CA THR A 249 14.88 8.24 7.15
C THR A 249 13.68 7.31 7.22
N ILE A 250 13.91 6.06 6.81
CA ILE A 250 12.90 5.06 6.65
C ILE A 250 13.05 3.84 7.63
N GLY A 251 11.97 3.48 8.31
CA GLY A 251 11.99 2.31 9.18
C GLY A 251 10.82 1.45 8.85
N SER A 252 10.85 0.29 9.45
CA SER A 252 9.86 -0.74 9.25
C SER A 252 9.46 -1.49 10.54
N ALA A 253 8.14 -1.58 10.80
CA ALA A 253 7.65 -2.44 11.89
C ALA A 253 7.94 -3.90 11.69
N GLY A 254 7.99 -4.30 10.41
CA GLY A 254 8.16 -5.69 10.10
C GLY A 254 9.51 -6.18 10.44
N THR A 256 11.37 -4.21 12.61
CA THR A 256 11.57 -3.84 14.07
C THR A 256 11.04 -4.89 15.10
N PHE A 257 9.90 -5.54 14.77
CA PHE A 257 9.20 -6.46 15.69
C PHE A 257 9.13 -7.84 15.08
N SER A 258 9.79 -8.02 13.91
CA SER A 258 9.97 -9.35 13.29
C SER A 258 8.64 -9.93 12.85
N LEU A 259 7.79 -9.04 12.41
CA LEU A 259 6.44 -9.36 11.94
C LEU A 259 6.28 -8.80 10.52
N THR A 260 6.99 -9.43 9.59
CA THR A 260 7.12 -8.95 8.20
C THR A 260 5.82 -9.05 7.43
N GLY A 261 4.92 -9.89 7.90
CA GLY A 261 3.60 -9.97 7.24
C GLY A 261 2.63 -8.83 7.65
N TRP A 262 3.12 -7.86 8.40
CA TRP A 262 2.29 -6.77 8.87
C TRP A 262 2.38 -5.56 7.96
N LYS A 263 3.50 -5.38 7.25
CA LYS A 263 3.59 -4.34 6.16
C LYS A 263 3.15 -2.93 6.62
N ILE A 264 3.80 -2.44 7.68
CA ILE A 264 3.67 -1.08 8.12
C ILE A 264 5.11 -0.54 8.37
N GLY A 265 5.42 0.63 7.80
CA GLY A 265 6.66 1.31 7.87
C GLY A 265 6.39 2.81 7.97
N TRP A 266 7.43 3.60 8.00
CA TRP A 266 7.37 5.03 8.21
C TRP A 266 8.53 5.78 7.51
N ALA A 267 8.30 7.03 7.15
CA ALA A 267 9.34 7.92 6.75
C ALA A 267 9.34 9.09 7.69
N TYR A 268 10.49 9.44 8.22
CA TYR A 268 10.52 10.71 9.03
C TYR A 268 11.58 11.74 8.62
N GLY A 269 11.34 13.03 8.85
CA GLY A 269 12.21 14.08 8.34
C GLY A 269 11.50 15.42 8.48
N PRO A 270 12.11 16.49 7.98
CA PRO A 270 11.39 17.75 7.99
C PRO A 270 10.09 17.74 7.21
N GLU A 271 9.19 18.63 7.58
CA GLU A 271 7.85 18.56 6.95
C GLU A 271 7.90 19.00 5.53
N ALA A 272 8.85 19.88 5.26
CA ALA A 272 9.12 20.37 3.85
C ALA A 272 9.41 19.22 2.88
N LEU A 273 10.26 18.25 3.32
CA LEU A 273 10.55 17.02 2.55
C LEU A 273 9.34 16.08 2.53
N LEU A 274 8.60 16.02 3.63
CA LEU A 274 7.57 15.02 3.75
C LEU A 274 6.29 15.33 3.00
N LYS A 275 6.04 16.61 2.80
CA LYS A 275 4.86 17.04 2.03
C LYS A 275 4.78 16.33 0.67
N ASN A 276 5.95 16.21 0.01
CA ASN A 276 6.02 15.44 -1.26
C ASN A 276 5.50 13.95 -1.16
N LEU A 277 5.92 13.25 -0.11
CA LEU A 277 5.43 11.90 0.15
C LEU A 277 3.93 11.89 0.36
N GLN A 278 3.42 12.84 1.15
CA GLN A 278 2.02 12.92 1.38
C GLN A 278 1.17 13.01 0.14
N MET A 279 1.62 13.71 -0.90
CA MET A 279 0.79 13.86 -2.09
C MET A 279 0.71 12.60 -2.86
N VAL A 280 1.76 11.79 -2.73
CA VAL A 280 1.83 10.56 -3.48
C VAL A 280 0.97 9.59 -2.72
N HIS A 281 1.26 9.46 -1.42
CA HIS A 281 0.57 8.57 -0.51
C HIS A 281 -0.98 8.70 -0.53
N GLN A 282 -1.51 9.92 -0.55
CA GLN A 282 -2.95 10.08 -0.41
C GLN A 282 -3.70 9.61 -1.62
N ASN A 283 -3.02 9.58 -2.75
CA ASN A 283 -3.66 9.15 -3.98
C ASN A 283 -3.02 7.88 -4.52
N CYS A 284 -2.39 7.16 -3.61
CA CYS A 284 -1.83 5.78 -3.94
C CYS A 284 -2.57 4.73 -3.11
N VAL A 285 -2.52 4.88 -1.79
CA VAL A 285 -3.19 3.98 -0.85
C VAL A 285 -4.09 4.82 0.09
N TYR A 286 -3.91 6.16 0.18
CA TYR A 286 -4.62 6.96 1.17
C TYR A 286 -4.37 6.59 2.65
N THR A 287 -4.76 5.42 3.13
CA THR A 287 -4.52 5.13 4.52
C THR A 287 -4.02 3.71 4.67
N CYS A 288 -3.51 3.36 5.87
CA CYS A 288 -3.08 1.97 6.19
C CYS A 288 -3.98 1.29 7.21
N ALA A 289 -3.73 0.04 7.48
CA ALA A 289 -4.62 -0.80 8.29
C ALA A 289 -4.67 -0.33 9.75
N THR A 290 -5.86 -0.08 10.32
CA THR A 290 -5.95 0.39 11.66
C THR A 290 -5.55 -0.62 12.77
N PRO A 291 -6.10 -1.89 12.76
CA PRO A 291 -5.84 -2.80 13.89
C PRO A 291 -4.32 -3.13 13.93
N ILE A 292 -3.64 -3.12 12.76
CA ILE A 292 -2.15 -3.39 12.73
C ILE A 292 -1.34 -2.23 13.31
N GLN A 293 -1.68 -1.02 12.90
CA GLN A 293 -1.00 0.16 13.37
C GLN A 293 -1.24 0.35 14.86
N GLU A 294 -2.43 -0.02 15.28
CA GLU A 294 -2.81 -0.02 16.71
C GLU A 294 -1.92 -0.98 17.55
N ALA A 295 -1.75 -2.18 17.02
CA ALA A 295 -0.96 -3.20 17.64
C ALA A 295 0.51 -2.79 17.70
N ILE A 296 1.03 -2.13 16.65
CA ILE A 296 2.44 -1.63 16.62
C ILE A 296 2.64 -0.47 17.60
N ALA A 297 1.63 0.41 17.72
CA ALA A 297 1.67 1.49 18.66
C ALA A 297 1.76 0.93 20.09
N VAL A 298 1.01 -0.11 20.40
CA VAL A 298 1.10 -0.73 21.72
C VAL A 298 2.53 -1.44 21.87
N GLY A 299 3.04 -2.13 20.83
CA GLY A 299 4.46 -2.63 20.77
C GLY A 299 5.48 -1.60 21.15
N PHE A 300 5.37 -0.41 20.56
CA PHE A 300 6.31 0.67 20.77
C PHE A 300 6.18 1.17 22.19
N GLU A 301 4.94 1.23 22.69
CA GLU A 301 4.66 1.67 24.08
C GLU A 301 5.21 0.70 25.08
N THR A 302 5.07 -0.60 24.81
CA THR A 302 5.70 -1.60 25.68
C THR A 302 7.23 -1.44 25.77
N GLU A 303 7.86 -1.10 24.66
CA GLU A 303 9.34 -0.97 24.55
C GLU A 303 9.86 0.37 25.09
N LEU A 304 9.05 1.40 24.97
CA LEU A 304 9.38 2.74 25.35
C LEU A 304 9.45 2.78 26.85
N LYS A 305 8.72 1.90 27.55
CA LYS A 305 8.78 1.82 29.04
C LYS A 305 10.08 1.23 29.58
N ARG A 306 10.74 0.42 28.77
CA ARG A 306 11.95 -0.28 29.19
C ARG A 306 13.09 -0.17 28.19
N LEU A 307 13.31 1.04 27.66
CA LEU A 307 14.28 1.28 26.59
C LEU A 307 15.74 0.92 26.90
N LYS A 308 16.25 1.39 28.05
CA LYS A 308 17.64 1.09 28.48
C LYS A 308 17.81 -0.33 28.96
N SER A 309 16.70 -1.04 29.05
CA SER A 309 16.75 -2.32 29.65
C SER A 309 17.13 -3.51 28.66
N PRO A 310 17.99 -4.44 29.14
CA PRO A 310 18.40 -5.54 28.27
C PRO A 310 17.27 -6.32 27.59
N GLU A 311 16.11 -6.42 28.23
CA GLU A 311 15.04 -7.26 27.71
C GLU A 311 14.13 -6.55 26.67
N CYS A 312 14.38 -5.27 26.47
CA CYS A 312 13.87 -4.50 25.34
C CYS A 312 14.35 -5.24 24.03
N TYR A 313 13.34 -5.61 23.26
CA TYR A 313 13.54 -6.25 21.97
C TYR A 313 14.49 -5.48 21.06
N PHE A 314 14.55 -4.15 21.17
CA PHE A 314 15.46 -3.36 20.33
C PHE A 314 16.86 -3.67 20.75
N ASN A 315 16.99 -3.93 22.04
CA ASN A 315 18.33 -4.30 22.58
C ASN A 315 18.70 -5.80 22.52
N SER A 316 17.68 -6.64 22.66
CA SER A 316 17.89 -8.07 22.87
C SER A 316 18.21 -8.78 21.56
N ILE A 317 17.69 -8.24 20.46
CA ILE A 317 17.61 -8.99 19.21
C ILE A 317 18.99 -9.20 18.60
N SER A 318 19.88 -8.24 18.81
CA SER A 318 21.26 -8.35 18.35
C SER A 318 21.91 -9.64 18.85
N GLY A 319 21.83 -9.87 20.15
CA GLY A 319 22.53 -11.04 20.79
C GLY A 319 21.85 -12.35 20.43
N GLU A 320 20.56 -12.27 20.19
CA GLU A 320 19.80 -13.45 19.72
C GLU A 320 20.31 -13.91 18.32
N LEU A 321 20.62 -12.94 17.50
CA LEU A 321 21.09 -13.19 16.15
C LEU A 321 22.57 -13.51 16.13
N MET A 322 23.32 -12.86 17.00
CA MET A 322 24.77 -12.94 16.89
C MET A 322 25.27 -14.38 16.95
N ALA A 323 24.69 -15.13 17.85
CA ALA A 323 25.08 -16.52 18.04
C ALA A 323 24.81 -17.32 16.77
N LYS A 324 23.71 -17.00 16.05
CA LYS A 324 23.41 -17.64 14.76
C LYS A 324 24.30 -17.08 13.62
N ARG A 325 24.67 -15.78 13.71
CA ARG A 325 25.60 -15.12 12.80
C ARG A 325 26.90 -15.90 12.86
N ASP A 326 27.38 -16.16 14.09
CA ASP A 326 28.72 -16.76 14.32
C ASP A 326 28.70 -18.21 13.91
N TYR A 327 27.56 -18.85 14.16
CA TYR A 327 27.37 -20.22 13.83
C TYR A 327 27.39 -20.47 12.32
N MET A 328 26.65 -19.65 11.55
CA MET A 328 26.63 -19.79 10.15
C MET A 328 28.03 -19.50 9.52
N ALA A 329 28.67 -18.37 9.88
CA ALA A 329 29.99 -18.07 9.39
C ALA A 329 30.99 -19.23 9.58
N SER A 330 30.87 -19.94 10.72
CA SER A 330 31.60 -21.13 10.99
C SER A 330 31.29 -22.26 10.03
N PHE A 331 30.02 -22.68 9.89
CA PHE A 331 29.83 -23.84 9.06
C PHE A 331 30.07 -23.54 7.57
N LEU A 332 30.02 -22.27 7.15
CA LEU A 332 30.18 -21.92 5.70
C LEU A 332 31.69 -21.91 5.37
N ALA A 333 32.49 -21.44 6.32
CA ALA A 333 33.98 -21.50 6.28
C ALA A 333 34.40 -22.98 6.32
N GLU A 334 33.71 -23.78 7.11
CA GLU A 334 34.05 -25.18 7.16
C GLU A 334 33.91 -25.81 5.78
N VAL A 335 32.96 -25.37 4.97
CA VAL A 335 32.67 -26.17 3.79
C VAL A 335 33.56 -25.71 2.63
N GLY A 336 34.16 -24.54 2.78
CA GLY A 336 35.08 -24.01 1.79
C GLY A 336 34.71 -22.66 1.20
N MET A 337 33.70 -22.01 1.76
CA MET A 337 33.35 -20.65 1.38
C MET A 337 34.10 -19.63 2.21
N ASN A 338 34.27 -18.42 1.71
CA ASN A 338 34.62 -17.30 2.57
C ASN A 338 33.49 -16.34 2.89
N PRO A 339 32.94 -16.49 4.08
CA PRO A 339 31.81 -15.68 4.53
C PRO A 339 32.20 -14.25 4.81
N THR A 340 31.35 -13.31 4.41
CA THR A 340 31.37 -11.96 4.95
C THR A 340 30.51 -11.84 6.25
N VAL A 341 31.18 -11.68 7.36
CA VAL A 341 30.56 -11.56 8.69
C VAL A 341 29.87 -10.24 8.75
N PRO A 342 28.51 -10.24 8.85
CA PRO A 342 27.76 -8.98 8.88
C PRO A 342 27.95 -8.25 10.25
N GLN A 343 28.13 -6.92 10.18
CA GLN A 343 28.15 -6.04 11.36
C GLN A 343 26.74 -5.86 11.97
N GLY A 344 25.70 -6.13 11.15
CA GLY A 344 24.26 -6.00 11.55
C GLY A 344 23.33 -6.76 10.61
N GLY A 345 22.08 -6.91 11.03
CA GLY A 345 21.08 -7.58 10.28
C GLY A 345 21.16 -9.11 10.41
N TYR A 346 20.42 -9.79 9.50
CA TYR A 346 20.40 -11.22 9.52
C TYR A 346 20.74 -11.93 8.19
N PHE A 347 21.38 -11.23 7.26
CA PHE A 347 21.81 -11.88 6.05
C PHE A 347 23.33 -12.02 6.06
N MET A 348 23.80 -13.07 5.39
CA MET A 348 25.21 -13.28 5.22
C MET A 348 25.54 -13.57 3.77
N VAL A 349 26.49 -12.79 3.25
CA VAL A 349 27.02 -13.07 1.90
C VAL A 349 28.29 -13.94 1.98
N ALA A 350 28.30 -15.07 1.29
CA ALA A 350 29.50 -15.96 1.25
C ALA A 350 30.03 -16.27 -0.16
N ASP A 351 31.37 -16.26 -0.29
CA ASP A 351 32.04 -16.46 -1.58
C ASP A 351 32.25 -18.01 -1.76
N TRP A 352 31.51 -18.59 -2.72
CA TRP A 352 31.52 -20.05 -2.92
C TRP A 352 32.45 -20.52 -4.08
N SER A 353 33.17 -19.56 -4.68
CA SER A 353 33.82 -19.79 -6.02
C SER A 353 34.86 -20.89 -5.99
N SER A 354 35.44 -21.15 -4.83
CA SER A 354 36.42 -22.24 -4.71
C SER A 354 35.75 -23.59 -4.59
N LEU A 355 34.42 -23.63 -4.68
CA LEU A 355 33.69 -24.89 -4.75
C LEU A 355 33.32 -25.20 -6.21
N ASP A 356 33.60 -24.25 -7.11
CA ASP A 356 33.10 -24.30 -8.47
C ASP A 356 33.74 -25.44 -9.27
N SER A 357 34.85 -25.97 -8.78
CA SER A 357 35.42 -27.19 -9.33
C SER A 357 34.86 -28.44 -8.68
N LYS A 358 34.03 -28.29 -7.66
CA LYS A 358 33.46 -29.44 -6.93
C LYS A 358 31.95 -29.67 -7.12
N VAL A 359 31.38 -28.90 -8.01
CA VAL A 359 29.93 -28.94 -8.21
C VAL A 359 29.66 -28.98 -9.72
N ASP A 360 28.58 -29.65 -10.11
CA ASP A 360 28.18 -29.82 -11.50
C ASP A 360 27.03 -28.85 -11.88
N LEU A 361 27.40 -27.72 -12.49
CA LEU A 361 26.47 -26.73 -12.97
C LEU A 361 26.08 -26.87 -14.44
N THR A 362 26.49 -27.98 -15.03
CA THR A 362 26.28 -28.25 -16.43
C THR A 362 24.82 -28.17 -16.89
N GLN A 363 23.88 -28.58 -16.03
CA GLN A 363 22.53 -28.69 -16.53
C GLN A 363 21.69 -27.48 -16.13
N GLU A 364 22.38 -26.47 -15.59
CA GLU A 364 21.77 -25.26 -15.10
C GLU A 364 21.86 -24.15 -16.16
N THR A 365 20.77 -23.48 -16.43
CA THR A 365 20.69 -22.70 -17.64
C THR A 365 20.69 -21.20 -17.45
N ASP A 366 20.77 -20.73 -16.20
CA ASP A 366 20.72 -19.29 -15.99
C ASP A 366 21.96 -18.58 -16.51
N ALA A 367 21.83 -17.29 -16.79
CA ALA A 367 22.93 -16.51 -17.37
C ALA A 367 24.04 -16.35 -16.32
N ARG A 368 23.65 -16.33 -15.06
CA ARG A 368 24.61 -15.99 -14.04
C ARG A 368 24.93 -17.12 -13.10
N LYS A 369 26.18 -17.24 -12.74
CA LYS A 369 26.64 -18.42 -12.05
C LYS A 369 26.14 -18.66 -10.63
N ASP A 370 25.82 -17.59 -9.94
CA ASP A 370 25.21 -17.63 -8.63
C ASP A 370 23.79 -18.13 -8.68
N TYR A 371 23.11 -17.87 -9.80
CA TYR A 371 21.83 -18.44 -10.00
C TYR A 371 21.94 -19.97 -10.21
N ARG A 372 22.87 -20.41 -11.08
CA ARG A 372 23.17 -21.81 -11.30
C ARG A 372 23.49 -22.55 -10.04
N PHE A 373 24.38 -21.96 -9.26
CA PHE A 373 24.88 -22.56 -8.08
C PHE A 373 23.80 -22.72 -6.97
N THR A 374 23.05 -21.67 -6.80
CA THR A 374 22.03 -21.65 -5.76
C THR A 374 20.84 -22.57 -6.18
N LYS A 375 20.56 -22.73 -7.46
CA LYS A 375 19.47 -23.68 -7.84
C LYS A 375 19.99 -25.12 -7.79
N TRP A 376 21.20 -25.37 -8.33
CA TRP A 376 21.88 -26.69 -8.11
C TRP A 376 21.93 -27.16 -6.66
N MET A 377 22.31 -26.30 -5.73
CA MET A 377 22.32 -26.63 -4.30
C MET A 377 20.95 -27.01 -3.75
N THR A 378 19.94 -26.28 -4.19
CA THR A 378 18.58 -26.71 -3.85
C THR A 378 18.20 -28.08 -4.32
N LYS A 379 18.49 -28.35 -5.59
CA LYS A 379 18.07 -29.59 -6.22
C LYS A 379 18.96 -30.74 -5.79
N SER A 380 20.25 -30.45 -5.59
CA SER A 380 21.20 -31.50 -5.34
C SER A 380 21.38 -31.90 -3.89
N VAL A 381 21.38 -30.93 -2.99
CA VAL A 381 21.52 -31.25 -1.58
C VAL A 381 20.53 -30.58 -0.68
N GLY A 382 19.57 -29.89 -1.24
CA GLY A 382 18.41 -29.50 -0.41
C GLY A 382 18.65 -28.33 0.54
N LEU A 383 19.51 -27.41 0.13
CA LEU A 383 19.79 -26.21 0.87
C LEU A 383 19.69 -24.99 -0.09
N GLN A 384 18.73 -24.10 0.22
CA GLN A 384 18.45 -22.95 -0.62
C GLN A 384 19.03 -21.62 -0.12
N GLY A 385 19.71 -20.91 -1.01
CA GLY A 385 20.20 -19.53 -0.74
C GLY A 385 19.73 -18.62 -1.88
N ILE A 386 20.19 -17.38 -1.96
CA ILE A 386 19.61 -16.41 -2.94
C ILE A 386 20.74 -15.80 -3.78
N PRO A 387 20.56 -15.60 -5.11
CA PRO A 387 21.72 -15.01 -5.83
C PRO A 387 21.90 -13.44 -5.77
N PRO A 388 23.09 -13.02 -5.28
CA PRO A 388 23.41 -11.64 -5.07
C PRO A 388 23.54 -10.85 -6.37
N SER A 389 23.80 -11.51 -7.49
CA SER A 389 23.85 -10.78 -8.77
C SER A 389 22.43 -10.21 -9.15
N ALA A 390 21.36 -10.74 -8.55
CA ALA A 390 20.06 -10.15 -8.77
C ALA A 390 20.00 -8.68 -8.20
N PHE A 391 20.97 -8.30 -7.35
CA PHE A 391 21.13 -7.01 -6.75
C PHE A 391 22.17 -6.05 -7.36
N TYR A 392 22.51 -6.25 -8.62
CA TYR A 392 23.45 -5.38 -9.32
C TYR A 392 22.87 -4.96 -10.64
N SER A 393 23.34 -3.81 -11.15
CA SER A 393 23.00 -3.32 -12.50
C SER A 393 23.67 -4.28 -13.49
N GLU A 394 23.03 -4.51 -14.63
CA GLU A 394 23.54 -5.47 -15.60
C GLU A 394 25.07 -5.52 -15.70
N PRO A 395 25.72 -4.37 -15.93
CA PRO A 395 27.21 -4.43 -16.13
C PRO A 395 28.07 -4.71 -14.97
N ASN A 396 27.44 -4.72 -13.81
CA ASN A 396 28.15 -5.04 -12.58
C ASN A 396 27.83 -6.38 -11.97
N LYS A 397 26.88 -7.10 -12.61
CA LYS A 397 26.44 -8.46 -12.19
C LYS A 397 27.52 -9.44 -11.92
N HIS A 398 28.67 -9.25 -12.60
CA HIS A 398 29.86 -10.09 -12.47
C HIS A 398 30.51 -10.04 -11.10
N LEU A 399 30.20 -8.98 -10.32
CA LEU A 399 30.73 -8.78 -8.95
C LEU A 399 30.01 -9.57 -7.88
N GLY A 400 28.78 -10.00 -8.23
CA GLY A 400 28.03 -10.89 -7.38
C GLY A 400 27.97 -12.35 -7.72
N GLU A 401 28.65 -12.80 -8.79
CA GLU A 401 28.47 -14.18 -9.27
C GLU A 401 29.25 -15.21 -8.42
N ASP A 402 30.28 -14.80 -7.68
CA ASP A 402 31.02 -15.68 -6.82
C ASP A 402 30.39 -15.88 -5.46
N PHE A 403 29.24 -15.25 -5.25
CA PHE A 403 28.58 -15.23 -3.91
C PHE A 403 27.20 -15.87 -3.84
N VAL A 404 26.73 -16.04 -2.59
CA VAL A 404 25.45 -16.56 -2.29
C VAL A 404 24.94 -15.85 -1.01
N ARG A 405 23.62 -15.54 -0.92
CA ARG A 405 23.01 -14.93 0.28
C ARG A 405 22.20 -15.95 1.03
N TYR A 406 22.53 -16.07 2.33
CA TYR A 406 21.80 -16.93 3.28
C TYR A 406 21.26 -16.06 4.45
N CYS A 407 20.11 -16.43 4.99
CA CYS A 407 19.47 -15.76 6.12
C CYS A 407 19.62 -16.69 7.31
N PHE A 408 20.15 -16.15 8.40
CA PHE A 408 20.36 -16.94 9.61
C PHE A 408 19.37 -16.64 10.73
N PHE A 409 18.34 -15.86 10.43
CA PHE A 409 17.20 -15.72 11.34
C PHE A 409 16.37 -16.99 11.32
N LYS A 410 16.91 -18.07 11.85
CA LYS A 410 16.25 -19.35 11.78
C LYS A 410 16.36 -20.15 13.11
N LYS A 411 15.38 -21.05 13.40
CA LYS A 411 15.45 -22.02 14.52
C LYS A 411 16.83 -22.63 14.59
N ASP A 412 17.37 -22.76 15.83
CA ASP A 412 18.67 -23.39 16.09
C ASP A 412 18.78 -24.73 15.43
N GLU A 413 17.72 -25.56 15.50
CA GLU A 413 17.76 -26.89 14.80
C GLU A 413 17.82 -26.83 13.28
N ASN A 414 17.25 -25.78 12.69
CA ASN A 414 17.30 -25.69 11.21
C ASN A 414 18.67 -25.23 10.78
N LEU A 415 19.29 -24.40 11.60
CA LEU A 415 20.68 -24.04 11.41
C LEU A 415 21.64 -25.23 11.48
N GLN A 416 21.34 -26.17 12.37
CA GLN A 416 22.19 -27.35 12.59
C GLN A 416 22.03 -28.31 11.45
N LYS A 417 20.81 -28.45 10.93
CA LYS A 417 20.58 -29.24 9.70
C LYS A 417 21.30 -28.75 8.45
N ALA A 418 21.45 -27.45 8.35
CA ALA A 418 22.12 -26.81 7.20
C ALA A 418 23.63 -27.10 7.30
N ALA A 419 24.13 -27.10 8.52
CA ALA A 419 25.53 -27.35 8.83
C ALA A 419 25.92 -28.80 8.52
N GLU A 420 24.99 -29.72 8.72
CA GLU A 420 25.31 -31.10 8.40
C GLU A 420 24.92 -31.48 6.96
N ILE A 421 23.96 -30.80 6.33
CA ILE A 421 23.78 -31.04 4.92
C ILE A 421 25.08 -30.69 4.23
N LEU A 422 25.73 -29.66 4.71
CA LEU A 422 26.96 -29.16 4.12
C LEU A 422 28.14 -30.02 4.53
N ARG A 423 28.08 -30.58 5.72
CA ARG A 423 29.22 -31.32 6.23
C ARG A 423 29.31 -32.61 5.45
N LYS A 424 28.15 -33.22 5.25
CA LYS A 424 28.03 -34.44 4.52
C LYS A 424 28.14 -34.30 3.00
N TRP A 425 27.87 -33.11 2.47
CA TRP A 425 28.27 -32.84 1.09
C TRP A 425 29.76 -32.80 0.92
N LYS A 426 30.45 -32.14 1.84
CA LYS A 426 31.91 -32.06 1.73
C LYS A 426 32.56 -33.43 1.98
N GLY A 427 32.26 -34.00 3.14
CA GLY A 427 32.81 -35.29 3.56
C GLY A 427 33.02 -36.28 2.41
N SER A 428 32.07 -36.33 1.47
CA SER A 428 32.31 -37.07 0.25
C SER A 428 32.32 -36.03 -0.89
N SER A 429 33.55 -35.53 -1.20
CA SER A 429 33.78 -34.52 -2.28
C SER A 429 34.05 -33.03 -1.90
N ASN B 11 13.77 25.43 -4.59
CA ASN B 11 13.01 24.98 -5.74
C ASN B 11 13.34 23.54 -6.13
N LYS B 12 14.50 23.05 -5.72
CA LYS B 12 14.97 21.75 -6.17
C LYS B 12 13.93 20.69 -5.82
N PHE B 13 13.40 20.76 -4.61
CA PHE B 13 12.61 19.71 -3.97
C PHE B 13 11.09 19.94 -3.99
N ASP B 14 10.67 20.61 -5.04
CA ASP B 14 9.31 20.84 -5.43
C ASP B 14 8.72 19.49 -5.86
N LEU B 15 7.37 19.44 -5.93
CA LEU B 15 6.61 18.33 -6.42
C LEU B 15 7.09 18.16 -7.86
N PRO B 16 7.32 16.92 -8.27
CA PRO B 16 7.61 16.68 -9.70
C PRO B 16 6.48 17.16 -10.62
N LYS B 17 6.79 17.33 -11.89
CA LYS B 17 5.81 17.87 -12.81
C LYS B 17 4.47 17.12 -12.72
N ARG B 18 4.50 15.80 -12.60
CA ARG B 18 3.21 15.10 -12.74
C ARG B 18 2.33 15.34 -11.49
N TYR B 19 2.93 15.74 -10.37
CA TYR B 19 2.14 16.11 -9.19
C TYR B 19 2.00 17.61 -9.03
N GLN B 20 2.15 18.38 -10.12
CA GLN B 20 2.06 19.85 -10.11
C GLN B 20 0.60 20.25 -9.86
N GLY B 21 0.39 21.29 -9.02
CA GLY B 21 -0.98 21.66 -8.57
C GLY B 21 -1.72 20.67 -7.64
N SER B 22 -0.97 19.72 -7.06
CA SER B 22 -1.50 18.78 -6.05
C SER B 22 -1.84 19.49 -4.75
N THR B 23 -3.08 19.28 -4.29
CA THR B 23 -3.58 19.85 -3.02
C THR B 23 -3.99 18.65 -2.15
N LYS B 24 -3.95 18.79 -0.82
CA LYS B 24 -4.60 17.79 0.05
C LYS B 24 -6.09 17.52 -0.36
N SER B 25 -6.39 16.23 -0.39
CA SER B 25 -7.73 15.70 -0.58
C SER B 25 -8.70 16.21 0.46
N VAL B 26 -9.98 16.07 0.16
CA VAL B 26 -11.03 16.35 1.09
C VAL B 26 -10.99 15.48 2.35
N TRP B 27 -10.58 14.22 2.19
CA TRP B 27 -10.36 13.25 3.35
C TRP B 27 -9.32 13.73 4.36
N VAL B 28 -8.13 14.15 3.86
CA VAL B 28 -7.12 14.67 4.81
C VAL B 28 -7.65 15.90 5.57
N GLU B 29 -8.45 16.68 4.87
CA GLU B 29 -8.97 17.89 5.45
C GLU B 29 -10.18 17.66 6.37
N TYR B 30 -11.16 16.84 5.92
CA TYR B 30 -12.38 16.62 6.75
C TYR B 30 -12.17 15.61 7.90
N ILE B 31 -11.23 14.68 7.73
CA ILE B 31 -10.90 13.77 8.80
C ILE B 31 -10.21 14.56 9.93
N GLN B 32 -9.46 15.59 9.53
CA GLN B 32 -8.81 16.41 10.53
C GLN B 32 -9.86 17.35 11.14
N LEU B 33 -10.90 17.67 10.37
CA LEU B 33 -11.98 18.53 10.87
C LEU B 33 -12.84 17.72 11.93
N ALA B 34 -13.00 16.44 11.63
CA ALA B 34 -13.84 15.60 12.43
C ALA B 34 -13.14 15.31 13.76
N ALA B 35 -11.82 15.14 13.68
CA ALA B 35 -10.92 14.99 14.84
C ALA B 35 -10.92 16.26 15.69
N GLN B 36 -11.12 17.41 15.07
CA GLN B 36 -11.13 18.66 15.81
C GLN B 36 -12.40 19.02 16.57
N TYR B 37 -13.54 19.04 15.90
CA TYR B 37 -14.73 19.61 16.55
C TYR B 37 -15.66 18.52 17.15
N LYS B 38 -15.23 17.27 17.01
CA LYS B 38 -15.97 16.15 17.58
C LYS B 38 -17.45 15.95 17.25
N PRO B 39 -17.82 16.24 16.01
CA PRO B 39 -19.20 16.03 15.55
C PRO B 39 -19.77 14.63 15.46
N LEU B 40 -21.08 14.52 15.38
CA LEU B 40 -21.72 13.39 14.73
C LEU B 40 -21.14 13.29 13.34
N ASN B 41 -20.53 12.15 13.05
CA ASN B 41 -19.72 11.99 11.83
C ASN B 41 -20.55 11.22 10.83
N LEU B 42 -21.35 11.92 10.03
CA LEU B 42 -22.01 11.28 8.84
C LEU B 42 -21.24 11.56 7.52
N GLY B 43 -19.89 11.77 7.65
CA GLY B 43 -18.99 12.19 6.56
C GLY B 43 -18.38 10.96 5.91
N GLN B 44 -17.18 10.59 6.32
CA GLN B 44 -16.53 9.49 5.61
C GLN B 44 -17.31 8.17 5.84
N GLY B 45 -17.41 7.32 4.80
CA GLY B 45 -18.21 6.09 4.93
C GLY B 45 -17.60 4.94 5.71
N PHE B 46 -18.26 4.61 6.84
CA PHE B 46 -17.83 3.48 7.73
C PHE B 46 -19.02 3.27 8.68
N PRO B 47 -19.15 2.04 9.24
CA PRO B 47 -20.19 1.76 10.26
C PRO B 47 -19.69 2.27 11.63
N ASP B 48 -20.62 2.86 12.43
CA ASP B 48 -20.28 3.21 13.82
C ASP B 48 -20.60 2.01 14.83
N TYR B 49 -20.65 0.77 14.29
CA TYR B 49 -20.98 -0.38 15.10
C TYR B 49 -20.35 -1.62 14.49
N HIS B 50 -20.34 -2.73 15.22
CA HIS B 50 -19.48 -3.85 14.83
C HIS B 50 -19.87 -4.58 13.56
N ALA B 51 -18.81 -4.99 12.81
CA ALA B 51 -18.90 -5.70 11.54
C ALA B 51 -19.04 -7.17 11.91
N PRO B 52 -19.35 -8.06 10.94
CA PRO B 52 -19.46 -9.47 11.30
C PRO B 52 -18.40 -10.03 12.27
N LYS B 53 -18.89 -10.68 13.33
CA LYS B 53 -18.03 -11.28 14.34
C LYS B 53 -17.17 -12.38 13.74
N TYR B 54 -17.64 -13.12 12.72
CA TYR B 54 -16.74 -14.18 12.20
C TYR B 54 -15.45 -13.66 11.54
N ALA B 55 -15.49 -12.49 10.93
CA ALA B 55 -14.31 -11.93 10.32
C ALA B 55 -13.37 -11.41 11.41
N LEU B 56 -13.93 -10.69 12.42
CA LEU B 56 -13.11 -10.18 13.55
C LEU B 56 -12.41 -11.34 14.32
N ASN B 57 -13.17 -12.40 14.59
CA ASN B 57 -12.59 -13.61 15.12
C ASN B 57 -11.50 -14.21 14.29
N ALA B 58 -11.63 -14.16 12.96
CA ALA B 58 -10.65 -14.70 12.06
C ALA B 58 -9.32 -13.86 12.13
N LEU B 59 -9.39 -12.55 12.30
CA LEU B 59 -8.15 -11.74 12.49
C LEU B 59 -7.48 -12.04 13.86
N ALA B 60 -8.30 -12.15 14.92
CA ALA B 60 -7.76 -12.61 16.22
C ALA B 60 -7.03 -13.99 16.11
N ALA B 61 -7.59 -14.95 15.40
CA ALA B 61 -7.01 -16.25 15.25
C ALA B 61 -5.71 -16.20 14.47
N ALA B 62 -5.74 -15.42 13.41
CA ALA B 62 -4.53 -15.25 12.57
C ALA B 62 -3.37 -14.70 13.43
N ALA B 63 -3.65 -13.74 14.33
CA ALA B 63 -2.62 -13.15 15.22
C ALA B 63 -2.04 -14.23 16.18
N ASN B 64 -2.97 -15.00 16.79
CA ASN B 64 -2.71 -16.08 17.75
C ASN B 64 -2.32 -17.43 17.14
N SER B 65 -2.22 -17.49 15.79
CA SER B 65 -1.95 -18.73 15.07
C SER B 65 -0.60 -19.33 15.53
N PRO B 66 -0.59 -20.65 15.76
CA PRO B 66 0.64 -21.39 15.98
C PRO B 66 1.50 -21.55 14.71
N ASP B 67 0.92 -21.27 13.56
CA ASP B 67 1.63 -21.29 12.28
C ASP B 67 2.50 -20.03 12.23
N PRO B 68 3.83 -20.21 12.09
CA PRO B 68 4.71 -19.06 12.17
C PRO B 68 4.84 -18.33 10.82
N LEU B 69 4.20 -18.87 9.78
CA LEU B 69 4.08 -18.14 8.49
C LEU B 69 2.87 -17.20 8.50
N ALA B 70 2.03 -17.25 9.52
CA ALA B 70 0.76 -16.48 9.53
C ALA B 70 1.00 -14.99 9.63
N ASN B 71 2.12 -14.59 10.27
CA ASN B 71 2.43 -13.21 10.44
C ASN B 71 3.70 -12.80 9.68
N GLN B 72 4.16 -13.64 8.75
CA GLN B 72 5.28 -13.30 7.88
C GLN B 72 4.86 -13.09 6.44
N TYR B 73 5.76 -12.60 5.60
CA TYR B 73 5.34 -12.27 4.22
C TYR B 73 4.54 -13.40 3.51
N THR B 74 3.49 -13.01 2.79
CA THR B 74 2.77 -13.86 1.92
C THR B 74 3.04 -13.48 0.44
N ARG B 75 2.35 -14.18 -0.45
CA ARG B 75 2.54 -14.05 -1.92
C ARG B 75 2.25 -12.62 -2.40
N GLY B 76 3.15 -12.09 -3.23
CA GLY B 76 3.13 -10.65 -3.59
C GLY B 76 1.87 -10.24 -4.31
N PHE B 77 1.34 -11.10 -5.22
CA PHE B 77 0.12 -10.75 -5.95
C PHE B 77 -1.18 -11.07 -5.21
N GLY B 78 -1.03 -11.77 -4.08
CA GLY B 78 -2.10 -12.05 -3.14
C GLY B 78 -2.00 -13.31 -2.33
N HIS B 79 -2.53 -13.26 -1.13
CA HIS B 79 -2.50 -14.41 -0.23
C HIS B 79 -3.22 -15.61 -0.84
N PRO B 80 -2.49 -16.71 -1.02
CA PRO B 80 -3.00 -17.85 -1.77
C PRO B 80 -4.43 -18.22 -1.37
N ARG B 81 -4.67 -18.28 -0.07
CA ARG B 81 -5.99 -18.68 0.45
C ARG B 81 -7.04 -17.63 0.10
N LEU B 82 -6.62 -16.38 0.00
CA LEU B 82 -7.54 -15.29 -0.35
C LEU B 82 -7.90 -15.34 -1.83
N VAL B 83 -6.88 -15.35 -2.68
CA VAL B 83 -7.10 -15.34 -4.15
C VAL B 83 -8.01 -16.51 -4.59
N GLN B 84 -7.87 -17.68 -3.96
CA GLN B 84 -8.69 -18.85 -4.23
C GLN B 84 -10.15 -18.60 -3.90
N ALA B 85 -10.40 -18.13 -2.67
CA ALA B 85 -11.75 -17.66 -2.26
C ALA B 85 -12.37 -16.59 -3.18
N LEU B 86 -11.56 -15.64 -3.64
CA LEU B 86 -12.05 -14.59 -4.52
C LEU B 86 -12.34 -15.15 -5.91
N SER B 87 -11.54 -16.12 -6.33
CA SER B 87 -11.78 -16.84 -7.57
C SER B 87 -13.07 -17.68 -7.48
N LYS B 88 -13.28 -18.40 -6.36
CA LYS B 88 -14.46 -19.23 -6.19
C LYS B 88 -15.69 -18.37 -6.31
N LEU B 89 -15.68 -17.22 -5.65
CA LEU B 89 -16.90 -16.42 -5.63
C LEU B 89 -17.16 -15.73 -6.95
N TYR B 90 -16.13 -15.15 -7.60
CA TYR B 90 -16.52 -14.23 -8.69
C TYR B 90 -16.73 -15.04 -9.95
N SER B 91 -16.18 -16.26 -9.93
CA SER B 91 -16.32 -17.20 -11.01
C SER B 91 -17.78 -17.55 -11.16
N GLN B 92 -18.45 -17.71 -10.03
CA GLN B 92 -19.89 -17.94 -9.99
C GLN B 92 -20.61 -16.70 -10.51
N LEU B 93 -20.20 -15.54 -9.99
CA LEU B 93 -20.88 -14.27 -10.29
C LEU B 93 -20.72 -13.77 -11.72
N VAL B 94 -19.55 -14.02 -12.34
CA VAL B 94 -19.30 -13.65 -13.75
C VAL B 94 -19.58 -14.81 -14.76
N ASP B 95 -19.84 -15.99 -14.18
CA ASP B 95 -20.25 -17.22 -14.88
C ASP B 95 -19.11 -17.54 -15.82
N ARG B 96 -17.90 -17.46 -15.30
CA ARG B 96 -16.74 -18.01 -15.97
C ARG B 96 -15.67 -18.36 -14.96
N THR B 97 -14.63 -19.05 -15.41
CA THR B 97 -13.60 -19.55 -14.53
C THR B 97 -12.43 -18.59 -14.39
N ILE B 98 -12.40 -17.85 -13.29
CA ILE B 98 -11.36 -16.86 -13.04
C ILE B 98 -10.14 -17.50 -12.38
N ASN B 99 -9.00 -17.42 -13.06
CA ASN B 99 -7.73 -17.86 -12.48
C ASN B 99 -7.32 -17.01 -11.29
N PRO B 100 -7.30 -17.62 -10.11
CA PRO B 100 -6.84 -16.93 -8.89
C PRO B 100 -5.39 -16.50 -9.02
N MET B 101 -4.64 -17.13 -9.92
CA MET B 101 -3.20 -16.93 -10.02
C MET B 101 -2.87 -15.75 -10.93
N THR B 102 -3.49 -15.72 -12.10
CA THR B 102 -3.14 -14.71 -13.14
C THR B 102 -4.21 -13.61 -13.30
N GLU B 103 -5.43 -13.92 -12.85
CA GLU B 103 -6.54 -12.98 -13.05
C GLU B 103 -7.13 -12.33 -11.85
N VAL B 104 -6.37 -12.37 -10.75
CA VAL B 104 -6.81 -11.71 -9.53
C VAL B 104 -5.49 -11.11 -8.93
N LEU B 105 -5.60 -9.87 -8.43
CA LEU B 105 -4.56 -9.12 -7.68
C LEU B 105 -5.18 -8.52 -6.43
N VAL B 106 -4.65 -8.93 -5.27
CA VAL B 106 -4.99 -8.30 -4.04
C VAL B 106 -4.19 -7.02 -3.78
N THR B 107 -4.88 -5.99 -3.25
CA THR B 107 -4.25 -4.68 -3.16
C THR B 107 -4.58 -4.04 -1.82
N VAL B 108 -3.95 -2.88 -1.55
CA VAL B 108 -4.23 -2.17 -0.34
C VAL B 108 -5.47 -1.31 -0.47
N GLY B 109 -6.61 -1.95 -0.19
CA GLY B 109 -7.90 -1.32 -0.50
C GLY B 109 -8.24 -1.35 -1.99
N ALA B 110 -9.44 -0.88 -2.34
CA ALA B 110 -9.74 -0.52 -3.73
C ALA B 110 -8.96 0.72 -4.16
N TYR B 111 -8.32 1.37 -3.19
CA TYR B 111 -7.55 2.58 -3.48
C TYR B 111 -6.31 2.26 -4.30
N GLU B 112 -5.62 1.20 -3.92
CA GLU B 112 -4.48 0.73 -4.68
C GLU B 112 -4.89 -0.07 -5.92
N ALA B 113 -6.00 -0.79 -5.85
CA ALA B 113 -6.48 -1.48 -7.01
C ALA B 113 -6.77 -0.36 -8.10
N LEU B 114 -7.31 0.83 -7.74
CA LEU B 114 -7.50 1.86 -8.73
C LEU B 114 -6.16 2.44 -9.21
N TYR B 115 -5.19 2.59 -8.28
CA TYR B 115 -3.89 3.11 -8.55
C TYR B 115 -3.07 2.20 -9.49
N ALA B 116 -3.07 0.89 -9.25
CA ALA B 116 -2.27 -0.08 -10.00
C ALA B 116 -2.90 -0.25 -11.44
N THR B 117 -4.21 -0.12 -11.51
CA THR B 117 -4.92 -0.03 -12.79
C THR B 117 -4.63 1.19 -13.71
N ILE B 118 -4.73 2.38 -13.13
CA ILE B 118 -4.43 3.68 -13.78
C ILE B 118 -2.95 3.82 -14.14
N GLN B 119 -2.07 3.46 -13.21
CA GLN B 119 -0.67 3.56 -13.46
C GLN B 119 -0.20 2.47 -14.41
N GLY B 120 -0.90 1.33 -14.41
CA GLY B 120 -0.60 0.30 -15.34
C GLY B 120 -1.22 0.45 -16.75
N HIS B 121 -2.17 1.33 -16.95
CA HIS B 121 -2.86 1.41 -18.21
C HIS B 121 -2.99 2.79 -18.78
N VAL B 122 -2.46 3.79 -18.07
CA VAL B 122 -2.45 5.16 -18.58
C VAL B 122 -1.04 5.74 -18.75
N ASP B 123 -0.71 6.15 -20.00
CA ASP B 123 0.60 6.71 -20.38
C ASP B 123 0.41 8.16 -20.81
N GLU B 124 1.53 8.87 -21.03
CA GLU B 124 1.47 10.27 -21.54
C GLU B 124 0.57 10.43 -22.75
N GLY B 125 -0.46 11.28 -22.55
CA GLY B 125 -1.43 11.66 -23.59
C GLY B 125 -2.68 10.81 -23.74
N ASP B 126 -2.74 9.69 -23.02
CA ASP B 126 -3.89 8.80 -23.02
C ASP B 126 -5.12 9.46 -22.38
N GLU B 127 -6.24 9.44 -23.09
CA GLU B 127 -7.48 10.12 -22.57
C GLU B 127 -8.30 9.12 -21.76
N VAL B 128 -8.86 9.62 -20.65
CA VAL B 128 -9.67 8.77 -19.75
C VAL B 128 -11.01 9.46 -19.49
N ILE B 129 -12.08 8.72 -19.69
CA ILE B 129 -13.40 9.20 -19.38
C ILE B 129 -13.87 8.93 -17.94
N ILE B 130 -14.22 10.02 -17.27
CA ILE B 130 -14.58 10.05 -15.88
C ILE B 130 -16.01 10.68 -15.77
N ILE B 131 -16.95 9.88 -15.28
CA ILE B 131 -18.30 10.30 -15.06
C ILE B 131 -18.42 11.07 -13.74
N GLU B 132 -18.91 12.32 -13.80
CA GLU B 132 -19.21 13.23 -12.66
C GLU B 132 -20.59 13.04 -12.10
N PRO B 133 -20.75 13.20 -10.75
CA PRO B 133 -19.70 13.36 -9.71
C PRO B 133 -18.90 12.01 -9.61
N PHE B 134 -17.57 12.06 -9.55
CA PHE B 134 -16.76 10.85 -9.51
C PHE B 134 -16.10 10.71 -8.13
N PHE B 135 -15.84 9.47 -7.70
CA PHE B 135 -15.03 9.24 -6.51
C PHE B 135 -13.69 10.04 -6.66
N ASP B 136 -13.41 10.89 -5.69
CA ASP B 136 -12.40 11.95 -5.92
C ASP B 136 -10.94 11.47 -6.27
N CYS B 137 -10.64 10.18 -6.19
CA CYS B 137 -9.27 9.74 -6.43
C CYS B 137 -8.96 9.59 -7.92
N TYR B 138 -10.01 9.58 -8.72
CA TYR B 138 -9.89 9.09 -10.13
C TYR B 138 -9.12 10.15 -10.92
N GLU B 139 -9.57 11.38 -10.82
CA GLU B 139 -8.94 12.48 -11.54
C GLU B 139 -7.45 12.72 -11.20
N PRO B 140 -7.09 12.82 -9.89
CA PRO B 140 -5.68 13.09 -9.65
C PRO B 140 -4.78 11.89 -9.98
N MET B 141 -5.33 10.71 -9.93
CA MET B 141 -4.59 9.52 -10.37
C MET B 141 -4.33 9.46 -11.91
N VAL B 142 -5.31 9.86 -12.72
CA VAL B 142 -5.13 9.90 -14.19
C VAL B 142 -4.07 10.95 -14.48
N LYS B 143 -4.12 12.13 -13.82
CA LYS B 143 -3.10 13.17 -13.98
C LYS B 143 -1.68 12.78 -13.50
N ALA B 144 -1.59 11.99 -12.48
CA ALA B 144 -0.30 11.52 -12.03
C ALA B 144 0.33 10.50 -13.00
N ALA B 145 -0.53 9.77 -13.68
CA ALA B 145 -0.12 8.82 -14.70
C ALA B 145 0.18 9.53 -16.07
N GLY B 146 -0.29 10.77 -16.24
CA GLY B 146 0.09 11.56 -17.44
C GLY B 146 -1.02 11.61 -18.43
N GLY B 147 -2.19 11.24 -17.94
CA GLY B 147 -3.36 11.12 -18.81
C GLY B 147 -4.22 12.38 -18.82
N ILE B 148 -5.13 12.46 -19.79
CA ILE B 148 -6.04 13.62 -19.89
C ILE B 148 -7.42 13.17 -19.53
N PRO B 149 -7.91 13.63 -18.35
CA PRO B 149 -9.29 13.32 -18.02
C PRO B 149 -10.34 14.02 -18.86
N ARG B 150 -11.35 13.26 -19.31
CA ARG B 150 -12.48 13.86 -19.98
C ARG B 150 -13.77 13.55 -19.19
N PHE B 151 -14.39 14.59 -18.63
CA PHE B 151 -15.55 14.42 -17.80
C PHE B 151 -16.91 14.56 -18.49
N ILE B 152 -17.90 13.85 -17.97
CA ILE B 152 -19.31 14.03 -18.33
C ILE B 152 -20.21 13.93 -17.10
N PRO B 153 -21.01 14.99 -16.81
CA PRO B 153 -21.86 14.99 -15.61
C PRO B 153 -23.07 14.12 -15.74
N LEU B 154 -23.46 13.51 -14.64
CA LEU B 154 -24.80 12.92 -14.55
C LEU B 154 -25.68 14.07 -14.02
N LYS B 155 -26.95 14.10 -14.47
CA LYS B 155 -27.87 15.24 -14.14
C LYS B 155 -29.25 14.73 -13.79
N PRO B 156 -29.83 15.25 -12.71
CA PRO B 156 -31.16 14.71 -12.43
C PRO B 156 -32.12 15.20 -13.54
N ASN B 157 -33.06 14.36 -13.99
CA ASN B 157 -34.12 14.80 -14.91
C ASN B 157 -35.50 15.25 -14.30
N LYS B 158 -35.60 15.32 -12.99
CA LYS B 158 -36.78 15.94 -12.43
C LYS B 158 -36.49 16.76 -11.18
N THR B 159 -37.41 17.65 -10.83
CA THR B 159 -37.05 18.69 -9.88
C THR B 159 -37.87 18.60 -8.61
N GLY B 160 -39.03 17.96 -8.71
CA GLY B 160 -39.61 17.31 -7.56
C GLY B 160 -39.97 15.87 -7.82
N GLY B 161 -40.52 15.23 -6.81
CA GLY B 161 -39.83 15.10 -5.55
C GLY B 161 -40.65 14.22 -4.64
N THR B 162 -40.01 13.28 -3.97
CA THR B 162 -38.56 13.21 -3.84
C THR B 162 -38.01 12.53 -5.09
N ILE B 163 -36.70 12.55 -5.28
CA ILE B 163 -36.18 11.85 -6.44
C ILE B 163 -35.39 10.60 -6.18
N SER B 164 -35.16 9.84 -7.24
CA SER B 164 -34.32 8.65 -7.21
C SER B 164 -32.98 8.90 -7.90
N SER B 165 -31.98 8.11 -7.51
CA SER B 165 -30.67 8.19 -8.14
C SER B 165 -30.73 7.68 -9.59
N ALA B 166 -31.83 7.00 -9.91
CA ALA B 166 -32.07 6.50 -11.27
C ALA B 166 -32.39 7.71 -12.18
N ASP B 167 -32.87 8.79 -11.58
CA ASP B 167 -33.13 10.03 -12.27
C ASP B 167 -31.84 10.75 -12.68
N TRP B 168 -30.70 10.39 -12.11
CA TRP B 168 -29.47 11.02 -12.49
C TRP B 168 -28.92 10.31 -13.70
N VAL B 169 -28.91 11.03 -14.85
CA VAL B 169 -28.61 10.33 -16.16
C VAL B 169 -27.56 11.09 -16.98
N LEU B 170 -26.98 10.36 -17.91
CA LEU B 170 -25.93 10.89 -18.74
C LEU B 170 -26.52 11.35 -20.09
N ASP B 171 -25.93 12.38 -20.68
CA ASP B 171 -26.33 12.69 -22.05
C ASP B 171 -25.67 11.71 -23.02
N ASN B 172 -26.48 10.86 -23.65
CA ASN B 172 -25.95 9.90 -24.59
C ASN B 172 -25.16 10.41 -25.82
N ASN B 173 -25.65 11.48 -26.46
CA ASN B 173 -24.87 12.13 -27.53
C ASN B 173 -23.51 12.66 -27.05
N GLU B 174 -23.51 13.22 -25.84
CA GLU B 174 -22.34 13.85 -25.27
C GLU B 174 -21.37 12.86 -24.63
N LEU B 175 -21.87 11.67 -24.31
CA LEU B 175 -21.00 10.54 -24.01
C LEU B 175 -20.25 10.12 -25.27
N GLU B 176 -21.01 9.87 -26.34
CA GLU B 176 -20.42 9.42 -27.60
C GLU B 176 -19.31 10.36 -28.06
N ALA B 177 -19.61 11.65 -28.04
CA ALA B 177 -18.65 12.68 -28.48
C ALA B 177 -17.24 12.53 -27.89
N LEU B 178 -17.16 12.02 -26.66
CA LEU B 178 -15.92 12.03 -25.87
C LEU B 178 -14.97 10.94 -26.36
N PHE B 179 -15.56 9.94 -26.98
CA PHE B 179 -14.81 8.77 -27.42
C PHE B 179 -14.14 8.98 -28.76
N ASN B 180 -12.83 8.84 -28.80
CA ASN B 180 -12.03 9.12 -30.03
C ASN B 180 -10.81 8.17 -30.07
N GLU B 181 -9.87 8.38 -30.95
CA GLU B 181 -8.81 7.38 -31.13
C GLU B 181 -7.84 7.39 -29.95
N LYS B 182 -7.92 8.44 -29.15
CA LYS B 182 -6.94 8.65 -28.08
C LYS B 182 -7.46 8.10 -26.75
N THR B 183 -8.77 7.86 -26.70
CA THR B 183 -9.43 7.30 -25.49
C THR B 183 -8.84 5.96 -25.14
N LYS B 184 -8.17 5.88 -23.97
CA LYS B 184 -7.57 4.62 -23.50
C LYS B 184 -8.57 3.87 -22.54
N MET B 185 -9.24 4.66 -21.71
CA MET B 185 -9.90 4.21 -20.50
C MET B 185 -11.17 4.95 -20.21
N ILE B 186 -12.20 4.21 -19.81
CA ILE B 186 -13.34 4.83 -19.12
C ILE B 186 -13.54 4.18 -17.74
N ILE B 187 -13.74 4.98 -16.71
CA ILE B 187 -14.02 4.46 -15.37
C ILE B 187 -15.51 4.67 -14.97
N ILE B 188 -16.20 3.56 -14.80
CA ILE B 188 -17.54 3.54 -14.23
C ILE B 188 -17.52 3.05 -12.77
N ASN B 189 -18.40 3.64 -11.96
CA ASN B 189 -18.57 3.27 -10.55
C ASN B 189 -20.03 2.98 -10.28
N THR B 190 -20.34 1.71 -10.04
CA THR B 190 -21.74 1.30 -9.75
C THR B 190 -21.66 0.09 -8.73
N PRO B 191 -22.38 0.18 -7.60
CA PRO B 191 -23.12 1.32 -7.19
C PRO B 191 -22.25 2.55 -7.03
N HIS B 192 -22.88 3.70 -7.30
CA HIS B 192 -22.19 4.97 -7.45
C HIS B 192 -22.02 5.74 -6.16
N ASN B 193 -20.87 6.40 -6.03
CA ASN B 193 -20.59 7.30 -4.95
C ASN B 193 -20.37 8.67 -5.60
N PRO B 194 -21.07 9.71 -5.18
CA PRO B 194 -21.89 9.80 -3.96
C PRO B 194 -23.39 9.49 -4.11
N LEU B 195 -23.85 9.26 -5.33
CA LEU B 195 -25.32 9.31 -5.63
C LEU B 195 -26.13 8.07 -5.23
N GLY B 196 -25.53 6.90 -5.38
CA GLY B 196 -26.18 5.63 -4.98
C GLY B 196 -26.73 5.00 -6.25
N LYS B 197 -26.40 5.65 -7.37
CA LYS B 197 -26.92 5.19 -8.65
C LYS B 197 -26.37 3.84 -9.04
N VAL B 198 -27.28 2.88 -9.20
CA VAL B 198 -26.90 1.65 -9.81
C VAL B 198 -27.26 1.63 -11.34
N MET B 199 -26.28 1.38 -12.21
CA MET B 199 -26.52 1.39 -13.63
C MET B 199 -27.32 0.20 -14.10
N ASP B 200 -28.39 0.44 -14.88
CA ASP B 200 -29.19 -0.66 -15.44
C ASP B 200 -28.54 -1.26 -16.67
N ARG B 201 -29.21 -2.21 -17.29
CA ARG B 201 -28.65 -2.82 -18.47
C ARG B 201 -28.46 -1.94 -19.72
N ALA B 202 -29.44 -1.09 -20.05
CA ALA B 202 -29.26 -0.10 -21.11
C ALA B 202 -28.06 0.82 -20.86
N GLU B 203 -27.92 1.30 -19.64
CA GLU B 203 -26.82 2.20 -19.30
C GLU B 203 -25.44 1.51 -19.44
N LEU B 204 -25.32 0.28 -18.93
CA LEU B 204 -24.05 -0.44 -19.05
C LEU B 204 -23.81 -0.89 -20.49
N GLU B 205 -24.86 -1.37 -21.20
CA GLU B 205 -24.77 -1.63 -22.67
C GLU B 205 -24.31 -0.40 -23.48
N VAL B 206 -24.79 0.80 -23.09
CA VAL B 206 -24.37 2.03 -23.77
C VAL B 206 -22.87 2.28 -23.71
N VAL B 207 -22.30 2.14 -22.47
CA VAL B 207 -20.86 2.09 -22.28
C VAL B 207 -20.20 0.91 -22.95
N ALA B 208 -20.73 -0.28 -22.74
CA ALA B 208 -20.16 -1.51 -23.34
C ALA B 208 -19.97 -1.43 -24.87
N ASN B 209 -20.95 -0.88 -25.58
CA ASN B 209 -20.92 -0.86 -27.04
C ASN B 209 -19.86 0.13 -27.56
N LEU B 210 -19.84 1.28 -26.89
CA LEU B 210 -18.82 2.31 -27.17
C LEU B 210 -17.39 1.84 -26.85
N CYS B 211 -17.22 0.98 -25.80
CA CYS B 211 -15.87 0.47 -25.50
C CYS B 211 -15.51 -0.52 -26.59
N LYS B 212 -16.51 -1.34 -27.02
CA LYS B 212 -16.24 -2.32 -28.09
C LYS B 212 -15.97 -1.56 -29.44
N LYS B 213 -16.73 -0.47 -29.66
CA LYS B 213 -16.52 0.30 -30.91
C LYS B 213 -15.16 1.02 -31.00
N TRP B 214 -14.69 1.59 -29.88
CA TRP B 214 -13.43 2.33 -29.92
C TRP B 214 -12.23 1.60 -29.32
N ASN B 215 -12.47 0.34 -28.97
CA ASN B 215 -11.43 -0.49 -28.36
C ASN B 215 -10.90 0.12 -27.07
N VAL B 216 -11.80 0.47 -26.16
CA VAL B 216 -11.42 1.16 -24.93
C VAL B 216 -11.47 0.21 -23.73
N LEU B 217 -10.77 0.59 -22.66
CA LEU B 217 -10.71 -0.24 -21.47
C LEU B 217 -11.68 0.26 -20.40
N CYS B 218 -12.58 -0.62 -19.98
CA CYS B 218 -13.55 -0.29 -18.94
C CYS B 218 -13.08 -0.77 -17.57
N VAL B 219 -12.75 0.20 -16.72
CA VAL B 219 -12.46 0.02 -15.28
C VAL B 219 -13.77 0.17 -14.48
N SER B 220 -14.22 -0.95 -13.93
CA SER B 220 -15.46 -0.98 -13.21
C SER B 220 -15.23 -1.02 -11.67
N ASP B 221 -15.47 0.10 -11.04
CA ASP B 221 -15.28 0.18 -9.59
C ASP B 221 -16.60 -0.25 -8.90
N GLU B 222 -16.59 -1.48 -8.40
CA GLU B 222 -17.80 -2.07 -7.87
C GLU B 222 -17.72 -2.46 -6.38
N VAL B 223 -17.02 -1.58 -5.58
CA VAL B 223 -16.92 -1.83 -4.14
C VAL B 223 -18.26 -2.05 -3.35
N TYR B 224 -19.33 -1.39 -3.79
CA TYR B 224 -20.65 -1.47 -3.17
C TYR B 224 -21.56 -2.48 -3.82
N GLU B 225 -20.97 -3.42 -4.58
CA GLU B 225 -21.68 -4.47 -5.33
C GLU B 225 -22.79 -5.24 -4.53
N HIS B 226 -22.66 -5.36 -3.20
CA HIS B 226 -23.55 -6.14 -2.35
C HIS B 226 -24.58 -5.27 -1.66
N MET B 227 -24.58 -3.98 -1.98
CA MET B 227 -25.46 -3.04 -1.32
C MET B 227 -26.57 -2.46 -2.19
N VAL B 228 -27.11 -3.24 -3.11
CA VAL B 228 -28.17 -2.77 -3.97
C VAL B 228 -29.52 -3.03 -3.27
N PHE B 229 -30.32 -1.99 -3.09
CA PHE B 229 -31.70 -2.15 -2.52
C PHE B 229 -32.74 -2.70 -3.52
N GLU B 230 -33.64 -3.55 -3.03
CA GLU B 230 -34.83 -3.90 -3.81
C GLU B 230 -35.61 -2.66 -4.24
N PRO B 231 -36.10 -2.64 -5.48
CA PRO B 231 -36.07 -3.82 -6.33
C PRO B 231 -34.95 -3.77 -7.36
N PHE B 232 -33.96 -2.90 -7.18
CA PHE B 232 -32.84 -2.81 -8.13
C PHE B 232 -31.88 -3.97 -8.04
N GLU B 233 -31.00 -4.08 -9.03
CA GLU B 233 -30.09 -5.22 -9.06
C GLU B 233 -28.75 -4.76 -9.45
N HIS B 234 -27.70 -5.33 -8.81
CA HIS B 234 -26.30 -5.18 -9.23
C HIS B 234 -25.99 -6.01 -10.45
N ILE B 235 -25.58 -5.36 -11.54
CA ILE B 235 -25.19 -6.07 -12.78
C ILE B 235 -23.72 -5.70 -13.14
N ARG B 236 -22.91 -6.72 -13.36
CA ARG B 236 -21.47 -6.62 -13.65
C ARG B 236 -21.14 -6.47 -15.13
N ILE B 237 -20.46 -5.37 -15.47
CA ILE B 237 -20.17 -5.02 -16.89
C ILE B 237 -19.27 -6.05 -17.55
N CYS B 238 -18.40 -6.70 -16.81
CA CYS B 238 -17.54 -7.63 -17.46
C CYS B 238 -18.34 -8.84 -17.98
N THR B 239 -19.62 -8.96 -17.64
CA THR B 239 -20.40 -10.16 -17.98
C THR B 239 -21.13 -9.97 -19.29
N LEU B 240 -21.13 -8.75 -19.76
CA LEU B 240 -21.64 -8.38 -21.07
C LEU B 240 -20.72 -8.84 -22.18
N PRO B 241 -21.24 -8.85 -23.40
CA PRO B 241 -20.64 -9.56 -24.53
C PRO B 241 -19.39 -8.88 -25.03
N GLY B 242 -18.28 -9.61 -25.04
CA GLY B 242 -17.02 -9.06 -25.48
C GLY B 242 -16.42 -8.14 -24.44
N MET B 243 -17.06 -8.07 -23.28
CA MET B 243 -16.65 -7.11 -22.28
C MET B 243 -15.60 -7.66 -21.32
N TRP B 244 -15.64 -8.95 -21.03
CA TRP B 244 -14.57 -9.58 -20.23
C TRP B 244 -13.14 -9.18 -20.70
N GLU B 245 -12.83 -9.28 -21.98
CA GLU B 245 -11.47 -9.12 -22.49
C GLU B 245 -10.98 -7.67 -22.38
N ARG B 246 -11.90 -6.75 -22.07
CA ARG B 246 -11.57 -5.34 -21.95
C ARG B 246 -12.10 -4.66 -20.66
N THR B 247 -12.25 -5.41 -19.53
CA THR B 247 -12.68 -4.84 -18.23
C THR B 247 -11.83 -5.31 -17.07
N ILE B 248 -11.46 -4.34 -16.21
CA ILE B 248 -10.97 -4.60 -14.87
C ILE B 248 -12.02 -4.19 -13.84
N THR B 249 -12.35 -5.18 -12.97
CA THR B 249 -13.38 -4.99 -11.99
C THR B 249 -12.72 -4.91 -10.65
N ILE B 250 -13.09 -3.86 -9.91
CA ILE B 250 -12.56 -3.64 -8.59
C ILE B 250 -13.53 -3.86 -7.47
N GLY B 251 -13.06 -4.59 -6.45
CA GLY B 251 -13.78 -4.86 -5.18
C GLY B 251 -12.96 -4.43 -3.99
N SER B 252 -13.60 -4.45 -2.84
CA SER B 252 -12.96 -4.08 -1.59
C SER B 252 -13.52 -4.83 -0.35
N ALA B 253 -12.64 -5.33 0.49
CA ALA B 253 -13.08 -6.13 1.68
C ALA B 253 -13.52 -5.14 2.76
N GLY B 254 -13.05 -3.90 2.72
CA GLY B 254 -13.55 -2.84 3.58
C GLY B 254 -15.07 -2.61 3.45
N LYS B 255 -15.61 -2.87 2.27
CA LYS B 255 -16.97 -2.55 1.93
C LYS B 255 -17.81 -3.85 1.94
N THR B 256 -17.24 -4.93 1.42
CA THR B 256 -17.87 -6.23 1.41
C THR B 256 -18.14 -6.66 2.85
N PHE B 257 -17.14 -6.46 3.71
CA PHE B 257 -17.29 -6.86 5.10
C PHE B 257 -17.44 -5.80 6.13
N SER B 258 -17.51 -4.53 5.71
CA SER B 258 -17.66 -3.42 6.62
C SER B 258 -16.52 -3.28 7.62
N LEU B 259 -15.30 -3.57 7.15
CA LEU B 259 -14.09 -3.44 7.94
C LEU B 259 -13.16 -2.43 7.17
N THR B 260 -13.50 -1.13 7.12
CA THR B 260 -12.81 -0.18 6.28
C THR B 260 -11.33 -0.02 6.72
N GLY B 261 -11.04 -0.24 8.02
CA GLY B 261 -9.68 -0.11 8.55
C GLY B 261 -8.82 -1.29 8.23
N TRP B 262 -9.31 -2.18 7.38
CA TRP B 262 -8.50 -3.32 6.97
C TRP B 262 -7.74 -3.08 5.72
N LYS B 263 -8.28 -2.17 4.86
CA LYS B 263 -7.56 -1.71 3.61
C LYS B 263 -7.03 -2.93 2.76
N ILE B 264 -8.00 -3.75 2.33
CA ILE B 264 -7.72 -4.82 1.44
C ILE B 264 -8.76 -4.80 0.28
N GLY B 265 -8.28 -4.79 -0.96
CA GLY B 265 -9.18 -4.81 -2.10
C GLY B 265 -8.68 -5.71 -3.20
N TRP B 266 -9.30 -5.65 -4.38
CA TRP B 266 -8.88 -6.54 -5.46
C TRP B 266 -9.29 -5.98 -6.81
N ALA B 267 -8.62 -6.48 -7.83
CA ALA B 267 -8.97 -6.25 -9.16
C ALA B 267 -8.97 -7.62 -9.87
N TYR B 268 -10.05 -7.94 -10.56
CA TYR B 268 -10.00 -9.16 -11.38
C TYR B 268 -10.39 -8.83 -12.81
N GLY B 269 -9.82 -9.61 -13.74
CA GLY B 269 -10.00 -9.36 -15.17
C GLY B 269 -9.08 -10.35 -15.88
N PRO B 270 -8.95 -10.24 -17.23
CA PRO B 270 -8.10 -11.13 -18.02
C PRO B 270 -6.66 -11.03 -17.61
N GLU B 271 -5.91 -12.13 -17.75
CA GLU B 271 -4.48 -12.05 -17.46
C GLU B 271 -3.73 -10.96 -18.21
N ALA B 272 -4.03 -10.76 -19.50
CA ALA B 272 -3.37 -9.67 -20.28
C ALA B 272 -3.46 -8.27 -19.60
N LEU B 273 -4.69 -7.88 -19.25
CA LEU B 273 -4.87 -6.62 -18.60
C LEU B 273 -4.35 -6.61 -17.14
N LEU B 274 -4.28 -7.75 -16.46
CA LEU B 274 -3.83 -7.78 -15.07
C LEU B 274 -2.33 -7.76 -14.84
N LYS B 275 -1.59 -8.29 -15.80
CA LYS B 275 -0.15 -8.26 -15.77
C LYS B 275 0.38 -6.84 -15.60
N ASN B 276 -0.28 -5.87 -16.23
CA ASN B 276 0.11 -4.45 -16.03
C ASN B 276 0.00 -4.02 -14.58
N LEU B 277 -0.99 -4.54 -13.90
CA LEU B 277 -1.29 -4.13 -12.55
C LEU B 277 -0.27 -4.76 -11.63
N GLN B 278 -0.02 -6.04 -11.82
CA GLN B 278 0.91 -6.75 -11.03
C GLN B 278 2.24 -6.01 -11.04
N MET B 279 2.61 -5.54 -12.20
CA MET B 279 3.86 -4.78 -12.32
C MET B 279 3.91 -3.48 -11.51
N VAL B 280 2.80 -2.72 -11.51
CA VAL B 280 2.71 -1.51 -10.69
C VAL B 280 2.70 -1.92 -9.19
N HIS B 281 1.82 -2.84 -8.81
CA HIS B 281 1.81 -3.36 -7.39
C HIS B 281 3.20 -3.82 -6.89
N GLN B 282 3.92 -4.49 -7.77
CA GLN B 282 5.23 -5.08 -7.41
C GLN B 282 6.25 -3.98 -7.00
N ASN B 283 6.18 -2.81 -7.66
CA ASN B 283 7.16 -1.71 -7.39
C ASN B 283 6.59 -0.54 -6.62
N CYS B 284 5.53 -0.85 -5.89
CA CYS B 284 4.74 0.11 -5.08
C CYS B 284 4.74 -0.37 -3.60
N VAL B 285 4.14 -1.51 -3.32
CA VAL B 285 3.98 -1.98 -1.92
C VAL B 285 4.53 -3.37 -1.81
N TYR B 286 4.72 -4.00 -2.99
CA TYR B 286 5.05 -5.39 -3.19
C TYR B 286 4.06 -6.44 -2.65
N THR B 287 3.65 -6.38 -1.39
CA THR B 287 2.77 -7.33 -0.90
C THR B 287 1.92 -6.67 0.22
N CYS B 288 0.85 -7.33 0.63
CA CYS B 288 -0.12 -6.84 1.56
C CYS B 288 -0.09 -7.63 2.85
N ALA B 289 -0.82 -7.15 3.85
CA ALA B 289 -0.77 -7.74 5.18
C ALA B 289 -1.24 -9.18 5.18
N THR B 290 -0.41 -10.07 5.71
CA THR B 290 -0.76 -11.49 5.79
C THR B 290 -1.99 -11.85 6.69
N PRO B 291 -1.99 -11.50 8.01
CA PRO B 291 -3.10 -11.92 8.91
C PRO B 291 -4.42 -11.37 8.47
N ILE B 292 -4.40 -10.17 7.94
CA ILE B 292 -5.67 -9.57 7.42
C ILE B 292 -6.20 -10.28 6.26
N GLN B 293 -5.37 -10.53 5.27
CA GLN B 293 -5.82 -11.31 4.13
C GLN B 293 -6.28 -12.73 4.57
N GLU B 294 -5.61 -13.32 5.56
CA GLU B 294 -6.03 -14.64 6.05
C GLU B 294 -7.43 -14.55 6.64
N ALA B 295 -7.70 -13.46 7.36
CA ALA B 295 -8.98 -13.27 8.00
C ALA B 295 -10.10 -13.04 6.97
N ILE B 296 -9.77 -12.38 5.85
CA ILE B 296 -10.72 -12.08 4.80
C ILE B 296 -10.97 -13.37 4.02
N ALA B 297 -9.94 -14.16 3.81
CA ALA B 297 -10.11 -15.45 3.19
C ALA B 297 -11.13 -16.34 3.95
N VAL B 298 -11.05 -16.39 5.26
CA VAL B 298 -11.98 -17.18 6.05
C VAL B 298 -13.38 -16.55 5.99
N GLY B 299 -13.42 -15.23 5.90
CA GLY B 299 -14.67 -14.56 5.83
C GLY B 299 -15.38 -14.94 4.55
N PHE B 300 -14.71 -15.06 3.42
CA PHE B 300 -15.34 -15.59 2.19
C PHE B 300 -15.72 -17.06 2.24
N GLU B 301 -14.89 -17.89 2.85
CA GLU B 301 -15.15 -19.29 3.06
C GLU B 301 -16.44 -19.49 3.86
N THR B 302 -16.68 -18.65 4.84
CA THR B 302 -17.93 -18.63 5.56
C THR B 302 -19.09 -18.31 4.65
N GLU B 303 -18.99 -17.24 3.85
CA GLU B 303 -20.15 -16.79 3.05
C GLU B 303 -20.39 -17.65 1.85
N LEU B 304 -19.38 -18.32 1.35
CA LEU B 304 -19.55 -19.18 0.21
C LEU B 304 -20.50 -20.35 0.56
N LYS B 305 -20.46 -20.78 1.82
CA LYS B 305 -21.26 -21.90 2.33
C LYS B 305 -22.76 -21.57 2.38
N ARG B 306 -23.12 -20.31 2.13
CA ARG B 306 -24.47 -19.86 2.34
C ARG B 306 -24.84 -18.65 1.46
N LEU B 307 -24.52 -18.66 0.17
CA LEU B 307 -24.71 -17.51 -0.69
C LEU B 307 -26.18 -17.05 -0.90
N LYS B 308 -27.12 -17.95 -0.58
CA LYS B 308 -28.55 -17.60 -0.76
C LYS B 308 -29.33 -17.47 0.57
N SER B 309 -28.60 -17.52 1.67
CA SER B 309 -29.17 -17.41 3.01
C SER B 309 -29.47 -15.93 3.33
N PRO B 310 -30.61 -15.66 4.04
CA PRO B 310 -30.79 -14.30 4.59
C PRO B 310 -29.68 -13.90 5.57
N GLU B 311 -29.05 -14.89 6.20
CA GLU B 311 -27.98 -14.76 7.18
C GLU B 311 -26.67 -14.34 6.50
N CYS B 312 -26.48 -14.70 5.23
CA CYS B 312 -25.38 -14.21 4.40
C CYS B 312 -25.34 -12.66 4.40
N TYR B 313 -24.14 -12.15 4.64
CA TYR B 313 -23.94 -10.68 4.79
C TYR B 313 -24.01 -9.97 3.45
N PHE B 314 -23.63 -10.72 2.42
CA PHE B 314 -23.81 -10.21 1.09
C PHE B 314 -25.31 -9.96 0.87
N ASN B 315 -26.19 -10.65 1.59
CA ASN B 315 -27.67 -10.54 1.31
C ASN B 315 -28.29 -9.74 2.39
N SER B 316 -27.69 -9.75 3.59
CA SER B 316 -28.40 -9.13 4.73
C SER B 316 -28.26 -7.67 4.78
N ILE B 317 -27.13 -7.23 4.28
CA ILE B 317 -26.76 -5.83 4.47
C ILE B 317 -27.65 -4.77 3.75
N SER B 318 -28.15 -5.10 2.56
CA SER B 318 -29.15 -4.27 1.90
C SER B 318 -30.38 -4.03 2.77
N GLY B 319 -30.91 -5.11 3.32
CA GLY B 319 -32.13 -5.00 4.13
C GLY B 319 -31.84 -4.15 5.35
N GLU B 320 -30.65 -4.33 5.89
CA GLU B 320 -30.27 -3.56 7.04
C GLU B 320 -30.14 -2.09 6.73
N LEU B 321 -29.54 -1.76 5.61
CA LEU B 321 -29.34 -0.34 5.25
C LEU B 321 -30.62 0.35 4.68
N MET B 322 -31.52 -0.43 4.08
CA MET B 322 -32.70 0.17 3.46
C MET B 322 -33.55 0.96 4.43
N ALA B 323 -33.74 0.41 5.62
CA ALA B 323 -34.50 1.09 6.66
C ALA B 323 -33.87 2.41 7.05
N LYS B 324 -32.53 2.37 7.20
CA LYS B 324 -31.75 3.56 7.58
C LYS B 324 -31.82 4.62 6.49
N ARG B 325 -31.74 4.15 5.24
CA ARG B 325 -31.86 5.00 4.03
C ARG B 325 -33.26 5.66 3.97
N ASP B 326 -34.33 4.88 4.22
CA ASP B 326 -35.74 5.45 4.27
C ASP B 326 -35.87 6.39 5.44
N TYR B 327 -35.25 6.07 6.60
CA TYR B 327 -35.33 6.99 7.73
C TYR B 327 -34.69 8.31 7.41
N MET B 328 -33.53 8.26 6.74
CA MET B 328 -32.71 9.46 6.49
C MET B 328 -33.34 10.38 5.41
N ALA B 329 -33.78 9.73 4.33
CA ALA B 329 -34.48 10.40 3.25
C ALA B 329 -35.70 11.14 3.80
N SER B 330 -36.37 10.51 4.78
CA SER B 330 -37.53 11.05 5.47
C SER B 330 -37.20 12.34 6.28
N PHE B 331 -36.23 12.29 7.19
CA PHE B 331 -35.88 13.51 7.94
C PHE B 331 -35.19 14.61 7.19
N LEU B 332 -34.55 14.26 6.06
CA LEU B 332 -33.87 15.32 5.26
C LEU B 332 -34.88 16.17 4.44
N ALA B 333 -35.85 15.44 3.84
CA ALA B 333 -37.05 15.97 3.21
C ALA B 333 -37.85 16.80 4.20
N GLU B 334 -38.27 16.13 5.30
CA GLU B 334 -38.97 16.83 6.40
C GLU B 334 -38.39 18.17 6.79
N VAL B 335 -37.06 18.23 6.76
CA VAL B 335 -36.39 19.43 7.21
C VAL B 335 -36.35 20.60 6.14
N GLY B 336 -36.38 20.23 4.84
CA GLY B 336 -36.47 21.22 3.75
C GLY B 336 -35.55 20.88 2.59
N MET B 337 -34.64 19.93 2.82
CA MET B 337 -33.69 19.48 1.80
C MET B 337 -34.41 18.57 0.74
N ASN B 338 -33.86 18.53 -0.49
CA ASN B 338 -34.41 17.66 -1.51
C ASN B 338 -33.49 16.45 -1.61
N PRO B 339 -33.83 15.32 -0.93
CA PRO B 339 -32.99 14.12 -0.99
C PRO B 339 -33.09 13.33 -2.30
N THR B 340 -31.95 12.91 -2.83
CA THR B 340 -31.94 11.85 -3.84
C THR B 340 -31.87 10.47 -3.19
N VAL B 341 -32.93 9.69 -3.34
CA VAL B 341 -32.99 8.37 -2.74
C VAL B 341 -32.18 7.36 -3.54
N PRO B 342 -31.23 6.71 -2.87
CA PRO B 342 -30.20 5.93 -3.57
C PRO B 342 -30.68 4.52 -3.90
N GLN B 343 -30.22 3.98 -5.02
CA GLN B 343 -30.57 2.64 -5.42
C GLN B 343 -29.69 1.60 -4.75
N GLY B 344 -28.51 2.02 -4.32
CA GLY B 344 -27.58 1.11 -3.61
C GLY B 344 -26.62 1.95 -2.73
N GLY B 345 -25.80 1.29 -1.87
CA GLY B 345 -24.73 1.96 -1.05
C GLY B 345 -25.34 2.61 0.16
N TYR B 346 -24.50 3.40 0.85
CA TYR B 346 -24.95 4.02 2.10
C TYR B 346 -24.71 5.53 2.16
N PHE B 347 -24.66 6.18 0.98
CA PHE B 347 -24.50 7.61 0.93
C PHE B 347 -25.77 8.21 0.31
N MET B 348 -26.05 9.45 0.68
CA MET B 348 -27.16 10.17 0.20
C MET B 348 -26.81 11.64 -0.09
N VAL B 349 -27.09 12.08 -1.34
CA VAL B 349 -26.99 13.43 -1.76
C VAL B 349 -28.33 14.17 -1.52
N ALA B 350 -28.28 15.36 -0.93
CA ALA B 350 -29.48 16.18 -0.73
C ALA B 350 -29.15 17.60 -1.12
N ASP B 351 -30.02 18.23 -1.91
CA ASP B 351 -29.93 19.64 -2.20
C ASP B 351 -30.42 20.45 -0.95
N TRP B 352 -29.52 21.27 -0.42
CA TRP B 352 -29.85 21.94 0.83
C TRP B 352 -30.15 23.42 0.65
N SER B 353 -30.18 23.85 -0.62
CA SER B 353 -30.25 25.27 -0.97
C SER B 353 -31.58 25.95 -0.64
N SER B 354 -32.63 25.16 -0.40
CA SER B 354 -33.87 25.70 0.14
C SER B 354 -33.64 26.37 1.52
N LEU B 355 -32.45 26.18 2.08
CA LEU B 355 -32.13 26.58 3.45
C LEU B 355 -30.94 27.55 3.63
N ASP B 356 -30.52 28.26 2.58
CA ASP B 356 -29.36 29.18 2.71
C ASP B 356 -29.67 30.51 3.44
N SER B 357 -30.96 30.90 3.44
CA SER B 357 -31.44 31.98 4.31
C SER B 357 -31.42 31.56 5.79
N LYS B 358 -31.39 30.27 6.03
CA LYS B 358 -31.44 29.70 7.36
C LYS B 358 -30.05 29.25 7.88
N VAL B 359 -29.00 29.60 7.14
CA VAL B 359 -27.61 29.31 7.57
C VAL B 359 -26.70 30.54 7.38
N ASP B 360 -25.54 30.57 8.07
CA ASP B 360 -24.64 31.72 7.85
C ASP B 360 -23.21 31.31 7.48
N LEU B 361 -22.86 31.41 6.19
CA LEU B 361 -21.62 30.84 5.72
C LEU B 361 -20.51 31.91 5.60
N THR B 362 -20.86 33.15 6.02
CA THR B 362 -19.97 34.34 5.94
C THR B 362 -18.60 34.26 6.69
N GLN B 363 -18.49 33.37 7.68
CA GLN B 363 -17.28 33.18 8.50
C GLN B 363 -16.43 31.96 8.08
N GLU B 364 -16.93 31.25 7.05
CA GLU B 364 -16.10 30.17 6.45
C GLU B 364 -15.20 30.70 5.30
N THR B 365 -13.97 30.20 5.28
CA THR B 365 -12.90 30.62 4.36
C THR B 365 -12.99 29.96 2.94
N ASP B 366 -13.66 28.80 2.84
CA ASP B 366 -13.68 28.02 1.59
C ASP B 366 -14.32 28.77 0.39
N ALA B 367 -13.85 28.45 -0.82
CA ALA B 367 -14.28 29.14 -2.03
C ALA B 367 -15.59 28.52 -2.50
N ARG B 368 -15.82 27.23 -2.23
CA ARG B 368 -17.09 26.57 -2.64
C ARG B 368 -18.17 26.52 -1.53
N LYS B 369 -19.43 26.86 -1.90
CA LYS B 369 -20.47 26.96 -0.88
C LYS B 369 -20.78 25.69 -0.05
N ASP B 370 -20.74 24.53 -0.70
CA ASP B 370 -20.96 23.25 0.01
C ASP B 370 -19.84 22.90 0.98
N TYR B 371 -18.68 23.46 0.69
CA TYR B 371 -17.55 23.38 1.59
C TYR B 371 -17.80 24.25 2.80
N ARG B 372 -18.20 25.53 2.57
CA ARG B 372 -18.54 26.40 3.66
C ARG B 372 -19.69 25.78 4.49
N PHE B 373 -20.74 25.32 3.77
CA PHE B 373 -21.90 24.66 4.46
C PHE B 373 -21.53 23.50 5.40
N THR B 374 -20.87 22.51 4.81
CA THR B 374 -20.50 21.35 5.54
C THR B 374 -19.51 21.66 6.71
N LYS B 375 -18.67 22.69 6.56
CA LYS B 375 -17.76 23.12 7.66
C LYS B 375 -18.55 23.75 8.82
N TRP B 376 -19.43 24.71 8.49
CA TRP B 376 -20.26 25.41 9.45
C TRP B 376 -21.11 24.40 10.29
N MET B 377 -21.80 23.50 9.59
CA MET B 377 -22.58 22.43 10.24
C MET B 377 -21.72 21.65 11.24
N THR B 378 -20.51 21.25 10.82
CA THR B 378 -19.64 20.48 11.70
C THR B 378 -19.36 21.26 13.00
N LYS B 379 -18.91 22.50 12.83
CA LYS B 379 -18.40 23.35 13.95
C LYS B 379 -19.51 23.88 14.85
N SER B 380 -20.66 24.19 14.23
CA SER B 380 -21.77 24.95 14.87
C SER B 380 -22.89 24.08 15.48
N VAL B 381 -23.21 22.98 14.83
CA VAL B 381 -24.35 22.13 15.20
C VAL B 381 -23.94 20.70 15.56
N GLY B 382 -22.68 20.36 15.32
CA GLY B 382 -22.14 19.05 15.59
C GLY B 382 -22.59 17.92 14.66
N LEU B 383 -22.83 18.25 13.40
CA LEU B 383 -23.12 17.20 12.44
C LEU B 383 -22.24 17.36 11.16
N GLN B 384 -21.48 16.32 10.88
CA GLN B 384 -20.62 16.30 9.70
C GLN B 384 -21.17 15.56 8.47
N GLY B 385 -21.29 16.31 7.38
CA GLY B 385 -21.43 15.67 6.03
C GLY B 385 -20.23 15.99 5.11
N ILE B 386 -20.31 15.65 3.81
CA ILE B 386 -19.15 15.82 2.91
C ILE B 386 -19.56 16.65 1.70
N PRO B 387 -18.74 17.63 1.33
CA PRO B 387 -19.21 18.43 0.18
C PRO B 387 -19.00 17.79 -1.23
N PRO B 388 -20.14 17.61 -1.96
CA PRO B 388 -20.11 16.92 -3.27
C PRO B 388 -19.31 17.59 -4.41
N SER B 389 -19.00 18.87 -4.29
CA SER B 389 -18.26 19.60 -5.31
C SER B 389 -16.84 19.08 -5.36
N ALA B 390 -16.45 18.37 -4.31
CA ALA B 390 -15.14 17.72 -4.28
C ALA B 390 -15.10 16.50 -5.23
N PHE B 391 -16.30 16.16 -5.80
CA PHE B 391 -16.45 15.00 -6.67
C PHE B 391 -16.68 15.50 -8.15
N TYR B 392 -16.53 16.80 -8.38
CA TYR B 392 -16.60 17.44 -9.67
C TYR B 392 -15.26 18.00 -10.11
N SER B 393 -14.97 17.93 -11.45
CA SER B 393 -13.84 18.64 -12.10
C SER B 393 -13.98 20.19 -11.88
N GLU B 394 -12.88 20.93 -11.76
CA GLU B 394 -13.00 22.37 -11.49
C GLU B 394 -14.07 23.14 -12.30
N PRO B 395 -14.02 23.04 -13.64
CA PRO B 395 -15.06 23.69 -14.43
C PRO B 395 -16.51 23.40 -14.01
N ASN B 396 -16.79 22.27 -13.35
CA ASN B 396 -18.21 21.89 -13.12
C ASN B 396 -18.49 21.81 -11.62
N LYS B 397 -17.61 22.40 -10.81
CA LYS B 397 -17.80 22.31 -9.34
C LYS B 397 -19.06 23.07 -8.90
N HIS B 398 -19.59 23.92 -9.78
CA HIS B 398 -20.74 24.74 -9.48
C HIS B 398 -21.94 23.79 -9.34
N LEU B 399 -21.87 22.62 -10.01
CA LEU B 399 -22.95 21.62 -9.94
C LEU B 399 -23.10 20.85 -8.57
N GLY B 400 -22.06 20.85 -7.75
CA GLY B 400 -22.13 20.21 -6.45
C GLY B 400 -22.30 21.17 -5.26
N GLU B 401 -22.38 22.46 -5.56
CA GLU B 401 -22.32 23.48 -4.52
C GLU B 401 -23.58 23.48 -3.65
N ASP B 402 -24.70 23.11 -4.25
CA ASP B 402 -25.99 23.15 -3.59
C ASP B 402 -26.30 21.84 -2.82
N PHE B 403 -25.37 20.90 -2.84
CA PHE B 403 -25.64 19.56 -2.26
C PHE B 403 -24.79 19.22 -1.06
N VAL B 404 -25.19 18.12 -0.41
CA VAL B 404 -24.44 17.57 0.73
C VAL B 404 -24.61 16.08 0.74
N ARG B 405 -23.52 15.38 1.02
CA ARG B 405 -23.53 13.92 1.05
C ARG B 405 -23.39 13.41 2.48
N TYR B 406 -24.41 12.69 2.95
CA TYR B 406 -24.34 12.04 4.27
C TYR B 406 -24.24 10.54 4.19
N CYS B 407 -23.83 9.93 5.32
CA CYS B 407 -23.71 8.49 5.33
C CYS B 407 -24.78 7.94 6.32
N PHE B 408 -25.61 7.02 5.88
CA PHE B 408 -26.67 6.52 6.76
C PHE B 408 -26.30 5.15 7.33
N PHE B 409 -24.98 4.85 7.33
CA PHE B 409 -24.46 3.54 7.84
C PHE B 409 -24.18 3.61 9.34
N LYS B 410 -25.24 3.81 10.09
CA LYS B 410 -25.17 4.10 11.52
C LYS B 410 -26.22 3.36 12.34
N LYS B 411 -25.93 3.31 13.65
CA LYS B 411 -26.89 2.94 14.68
C LYS B 411 -28.09 3.93 14.57
N ASP B 412 -29.31 3.35 14.65
CA ASP B 412 -30.58 4.08 14.70
C ASP B 412 -30.53 5.19 15.66
N GLU B 413 -29.91 4.97 16.83
CA GLU B 413 -29.87 6.03 17.84
C GLU B 413 -29.06 7.21 17.35
N ASN B 414 -28.16 6.99 16.36
CA ASN B 414 -27.31 8.16 15.89
C ASN B 414 -27.96 8.82 14.70
N LEU B 415 -28.67 7.99 13.86
CA LEU B 415 -29.64 8.56 12.85
C LEU B 415 -30.73 9.39 13.51
N GLN B 416 -31.25 8.94 14.66
CA GLN B 416 -32.13 9.79 15.47
C GLN B 416 -31.42 11.02 15.99
N LYS B 417 -30.20 10.86 16.54
CA LYS B 417 -29.47 11.98 17.05
C LYS B 417 -29.34 13.02 15.89
N ALA B 418 -29.08 12.57 14.68
CA ALA B 418 -28.94 13.43 13.51
C ALA B 418 -30.23 14.13 13.05
N ALA B 419 -31.35 13.38 12.96
CA ALA B 419 -32.72 13.99 12.85
C ALA B 419 -33.04 15.00 13.90
N GLU B 420 -32.62 14.75 15.13
CA GLU B 420 -32.87 15.67 16.23
C GLU B 420 -32.07 16.96 16.14
N ILE B 421 -30.85 16.85 15.64
CA ILE B 421 -29.95 17.99 15.36
C ILE B 421 -30.55 18.89 14.23
N LEU B 422 -30.96 18.26 13.14
CA LEU B 422 -31.67 18.99 12.10
C LEU B 422 -33.00 19.58 12.53
N ARG B 423 -33.74 18.88 13.37
CA ARG B 423 -35.03 19.39 13.82
C ARG B 423 -34.86 20.66 14.72
N LYS B 424 -33.88 20.66 15.62
CA LYS B 424 -33.72 21.79 16.52
C LYS B 424 -33.03 22.93 15.80
N TRP B 425 -31.96 22.60 15.04
CA TRP B 425 -31.34 23.61 14.19
C TRP B 425 -32.36 24.33 13.24
N LYS B 426 -33.31 23.57 12.71
CA LYS B 426 -34.42 24.15 11.97
C LYS B 426 -35.15 25.18 12.83
N GLY B 427 -34.97 25.08 14.13
CA GLY B 427 -35.42 26.14 15.09
C GLY B 427 -36.81 26.64 14.70
N SER B 428 -37.01 27.97 14.72
CA SER B 428 -38.17 28.56 14.00
C SER B 428 -37.68 29.45 12.83
N SER B 429 -36.55 30.13 13.06
CA SER B 429 -35.80 30.75 11.97
C SER B 429 -34.86 29.69 11.42
#